data_2OMB
#
_entry.id   2OMB
#
_cell.length_a   153.520
_cell.length_b   153.520
_cell.length_c   93.950
_cell.angle_alpha   90.00
_cell.angle_beta   90.00
_cell.angle_gamma   120.00
#
_symmetry.space_group_name_H-M   'P 31 2 1'
#
loop_
_entity.id
_entity.type
_entity.pdbx_description
1 polymer 'Bence Jones KWR Protein - Immunoglobulin Light Chain'
2 non-polymer 'SULFATE ION'
3 non-polymer PHENOL
4 water water
#
_entity_poly.entity_id   1
_entity_poly.type   'polypeptide(L)'
_entity_poly.pdbx_seq_one_letter_code
;(PCA)SALPQPASVSGSPGQSITISCTGTSSDVGGYDLVSWYQHHPGGAPKLIIYEVTNRPSGVSDRFSGSKSGNTASLT
ISGLQAEDEADYYCSSYASGSTPRIFGGGTRLTVLGQPKAAPSVTLFPPSSEELQANKATLVCLISDFYPGAVTVAWKAD
SSPVKAGVETTTPSKQSNNKYAASSYLSLTPEQWKSHRSYSCQVTHEGSTVEKTVAPTECS
;
_entity_poly.pdbx_strand_id   A,B,C,D
#
loop_
_chem_comp.id
_chem_comp.type
_chem_comp.name
_chem_comp.formula
IPH non-polymer PHENOL 'C6 H6 O'
SO4 non-polymer 'SULFATE ION' 'O4 S -2'
#
# COMPACT_ATOMS: atom_id res chain seq x y z
N PCA A 1 -29.65 -15.59 -8.63
CA PCA A 1 -28.19 -15.84 -8.66
CB PCA A 1 -27.48 -14.51 -8.36
CG PCA A 1 -28.62 -13.46 -8.59
CD PCA A 1 -29.85 -14.31 -9.01
OE PCA A 1 -30.86 -13.92 -9.61
C PCA A 1 -27.81 -16.90 -7.61
O PCA A 1 -27.04 -16.62 -6.69
N SER A 2 -28.36 -18.10 -7.76
CA SER A 2 -28.06 -19.20 -6.85
C SER A 2 -27.03 -20.06 -7.61
N ALA A 3 -25.76 -19.71 -7.45
CA ALA A 3 -24.66 -20.39 -8.13
C ALA A 3 -24.88 -21.86 -8.47
N LEU A 4 -24.27 -22.24 -9.59
CA LEU A 4 -24.33 -23.60 -10.08
C LEU A 4 -23.20 -24.35 -9.36
N PRO A 5 -23.57 -25.28 -8.48
CA PRO A 5 -22.62 -26.10 -7.71
C PRO A 5 -21.69 -26.87 -8.63
N GLN A 6 -20.40 -26.66 -8.44
CA GLN A 6 -19.38 -27.30 -9.26
C GLN A 6 -18.36 -27.92 -8.31
N PRO A 7 -17.49 -28.82 -8.80
CA PRO A 7 -16.48 -29.43 -7.93
C PRO A 7 -15.32 -28.46 -7.76
N ALA A 8 -15.01 -28.12 -6.51
CA ALA A 8 -13.91 -27.21 -6.24
C ALA A 8 -12.64 -27.55 -7.01
N SER A 9 -12.25 -28.82 -7.01
CA SER A 9 -11.03 -29.22 -7.72
C SER A 9 -11.10 -30.61 -8.36
N VAL A 10 -10.21 -30.85 -9.31
CA VAL A 10 -10.15 -32.13 -9.98
C VAL A 10 -8.73 -32.38 -10.44
N SER A 11 -8.37 -33.64 -10.57
CA SER A 11 -7.03 -34.00 -10.97
C SER A 11 -7.08 -35.14 -11.96
N GLY A 12 -6.08 -35.19 -12.83
CA GLY A 12 -6.02 -36.23 -13.82
C GLY A 12 -4.60 -36.36 -14.32
N SER A 13 -4.19 -37.58 -14.67
CA SER A 13 -2.84 -37.83 -15.15
C SER A 13 -2.75 -37.54 -16.64
N PRO A 14 -1.56 -37.16 -17.11
CA PRO A 14 -1.45 -36.88 -18.53
C PRO A 14 -2.03 -38.02 -19.36
N GLY A 15 -2.88 -37.68 -20.34
CA GLY A 15 -3.45 -38.70 -21.20
C GLY A 15 -4.81 -39.23 -20.78
N GLN A 16 -5.20 -38.97 -19.55
CA GLN A 16 -6.49 -39.46 -19.04
C GLN A 16 -7.61 -38.51 -19.43
N SER A 17 -8.84 -38.92 -19.13
CA SER A 17 -10.02 -38.12 -19.38
C SER A 17 -10.54 -37.68 -18.03
N ILE A 18 -11.20 -36.53 -17.99
CA ILE A 18 -11.77 -36.07 -16.75
C ILE A 18 -13.11 -35.44 -17.05
N THR A 19 -14.03 -35.52 -16.10
CA THR A 19 -15.35 -34.96 -16.29
C THR A 19 -15.67 -34.05 -15.14
N ILE A 20 -16.07 -32.82 -15.46
CA ILE A 20 -16.42 -31.84 -14.46
C ILE A 20 -17.95 -31.71 -14.48
N SER A 21 -18.55 -31.46 -13.32
CA SER A 21 -20.01 -31.35 -13.28
C SER A 21 -20.58 -29.99 -12.88
N CYS A 22 -21.76 -29.70 -13.42
CA CYS A 22 -22.48 -28.45 -13.21
C CYS A 22 -23.89 -28.86 -12.85
N THR A 23 -24.35 -28.50 -11.67
CA THR A 23 -25.70 -28.88 -11.23
C THR A 23 -26.69 -27.72 -11.14
N GLY A 24 -27.83 -27.86 -11.81
CA GLY A 24 -28.82 -26.81 -11.79
C GLY A 24 -30.25 -27.30 -11.66
N THR A 25 -31.18 -26.42 -11.98
CA THR A 25 -32.60 -26.73 -11.90
C THR A 25 -33.20 -26.78 -13.30
N SER A 26 -34.47 -27.13 -13.38
CA SER A 26 -35.13 -27.19 -14.68
C SER A 26 -35.32 -25.76 -15.16
N SER A 27 -35.29 -24.83 -14.22
CA SER A 27 -35.48 -23.41 -14.49
C SER A 27 -34.31 -22.74 -15.22
N ASP A 28 -33.18 -23.43 -15.29
CA ASP A 28 -32.02 -22.88 -15.99
C ASP A 28 -31.27 -23.93 -16.79
N VAL A 29 -30.65 -24.89 -16.10
CA VAL A 29 -29.91 -25.93 -16.77
C VAL A 29 -30.79 -26.94 -17.50
N GLY A 30 -31.95 -27.23 -16.92
CA GLY A 30 -32.86 -28.18 -17.54
C GLY A 30 -33.96 -27.48 -18.27
N GLY A 31 -33.89 -26.15 -18.30
CA GLY A 31 -34.89 -25.36 -18.97
C GLY A 31 -34.52 -24.92 -20.37
N TYR A 32 -33.22 -24.88 -20.65
CA TYR A 32 -32.75 -24.47 -21.97
C TYR A 32 -31.57 -25.34 -22.39
N ASP A 33 -31.07 -25.10 -23.59
CA ASP A 33 -29.91 -25.83 -24.09
C ASP A 33 -28.84 -24.78 -24.25
N LEU A 34 -28.79 -23.92 -23.24
CA LEU A 34 -27.85 -22.83 -23.19
C LEU A 34 -26.82 -22.93 -22.06
N VAL A 35 -26.07 -24.02 -22.04
CA VAL A 35 -25.03 -24.24 -21.05
C VAL A 35 -23.68 -23.99 -21.69
N SER A 36 -22.91 -23.08 -21.12
CA SER A 36 -21.58 -22.77 -21.64
C SER A 36 -20.49 -23.18 -20.67
N TRP A 37 -19.29 -23.32 -21.21
CA TRP A 37 -18.15 -23.68 -20.41
C TRP A 37 -17.00 -22.77 -20.79
N TYR A 38 -16.18 -22.42 -19.82
CA TYR A 38 -15.07 -21.57 -20.16
C TYR A 38 -13.83 -22.06 -19.49
N GLN A 39 -12.74 -22.01 -20.23
CA GLN A 39 -11.46 -22.39 -19.68
C GLN A 39 -10.89 -21.06 -19.25
N HIS A 40 -10.19 -21.02 -18.12
CA HIS A 40 -9.59 -19.76 -17.71
C HIS A 40 -8.27 -19.90 -16.98
N HIS A 41 -7.22 -19.37 -17.58
CA HIS A 41 -5.91 -19.39 -16.93
C HIS A 41 -5.79 -18.08 -16.13
N PRO A 42 -5.89 -18.15 -14.79
CA PRO A 42 -5.80 -16.99 -13.92
C PRO A 42 -4.84 -15.92 -14.42
N GLY A 43 -5.33 -14.69 -14.40
CA GLY A 43 -4.55 -13.58 -14.89
C GLY A 43 -4.72 -13.45 -16.38
N GLY A 44 -5.57 -14.30 -16.96
CA GLY A 44 -5.76 -14.25 -18.40
C GLY A 44 -7.20 -14.01 -18.73
N ALA A 45 -7.48 -13.86 -20.02
CA ALA A 45 -8.84 -13.63 -20.48
C ALA A 45 -9.57 -14.97 -20.58
N PRO A 46 -10.77 -15.07 -20.00
CA PRO A 46 -11.48 -16.34 -20.09
C PRO A 46 -11.75 -16.68 -21.55
N LYS A 47 -11.77 -17.97 -21.86
CA LYS A 47 -11.99 -18.42 -23.23
C LYS A 47 -13.23 -19.28 -23.27
N LEU A 48 -14.06 -19.04 -24.26
CA LEU A 48 -15.27 -19.82 -24.42
C LEU A 48 -14.95 -21.15 -25.10
N ILE A 49 -15.11 -22.28 -24.41
CA ILE A 49 -14.81 -23.56 -25.05
C ILE A 49 -16.03 -24.37 -25.45
N ILE A 50 -17.16 -24.21 -24.76
CA ILE A 50 -18.36 -24.98 -25.09
C ILE A 50 -19.59 -24.10 -24.98
N TYR A 51 -20.57 -24.29 -25.88
CA TYR A 51 -21.77 -23.48 -25.83
C TYR A 51 -23.02 -24.18 -26.33
N GLU A 52 -24.18 -23.74 -25.87
CA GLU A 52 -25.44 -24.37 -26.28
C GLU A 52 -25.36 -25.84 -25.93
N VAL A 53 -24.77 -26.12 -24.78
CA VAL A 53 -24.60 -27.47 -24.26
C VAL A 53 -23.47 -28.29 -24.87
N THR A 54 -23.36 -28.30 -26.20
CA THR A 54 -22.35 -29.11 -26.88
C THR A 54 -21.62 -28.46 -28.03
N ASN A 55 -22.06 -27.28 -28.44
CA ASN A 55 -21.42 -26.60 -29.56
C ASN A 55 -19.98 -26.19 -29.18
N ARG A 56 -19.06 -26.27 -30.13
CA ARG A 56 -17.67 -25.93 -29.88
C ARG A 56 -17.13 -24.84 -30.83
N PRO A 57 -16.59 -23.72 -30.29
CA PRO A 57 -16.06 -22.67 -31.15
C PRO A 57 -14.94 -23.19 -32.04
N SER A 58 -14.90 -22.74 -33.28
CA SER A 58 -13.87 -23.18 -34.19
C SER A 58 -12.51 -23.03 -33.51
N GLY A 59 -11.53 -23.80 -33.99
CA GLY A 59 -10.19 -23.69 -33.42
C GLY A 59 -10.05 -24.23 -32.01
N VAL A 60 -11.16 -24.58 -31.37
CA VAL A 60 -11.09 -25.14 -30.02
C VAL A 60 -11.00 -26.65 -30.15
N SER A 61 -10.08 -27.23 -29.37
CA SER A 61 -9.79 -28.67 -29.38
C SER A 61 -10.97 -29.62 -29.19
N ASP A 62 -11.04 -30.66 -30.01
CA ASP A 62 -12.11 -31.63 -29.89
C ASP A 62 -11.89 -32.55 -28.70
N ARG A 63 -10.95 -32.15 -27.82
CA ARG A 63 -10.65 -32.91 -26.61
C ARG A 63 -11.59 -32.40 -25.52
N PHE A 64 -12.31 -31.32 -25.85
CA PHE A 64 -13.27 -30.72 -24.93
C PHE A 64 -14.69 -31.04 -25.41
N SER A 65 -15.42 -31.80 -24.59
CA SER A 65 -16.79 -32.18 -24.90
C SER A 65 -17.73 -31.73 -23.82
N GLY A 66 -18.94 -31.39 -24.24
CA GLY A 66 -19.94 -30.97 -23.30
C GLY A 66 -21.19 -31.78 -23.55
N SER A 67 -21.95 -32.06 -22.50
CA SER A 67 -23.19 -32.82 -22.60
C SER A 67 -24.02 -32.47 -21.39
N LYS A 68 -25.26 -32.91 -21.39
CA LYS A 68 -26.13 -32.63 -20.26
C LYS A 68 -27.31 -33.60 -20.24
N SER A 69 -27.76 -33.94 -19.04
CA SER A 69 -28.92 -34.79 -18.90
C SER A 69 -29.58 -34.42 -17.61
N GLY A 70 -30.88 -34.15 -17.68
CA GLY A 70 -31.60 -33.76 -16.49
C GLY A 70 -31.26 -32.32 -16.18
N ASN A 71 -31.00 -32.02 -14.91
CA ASN A 71 -30.67 -30.65 -14.55
C ASN A 71 -29.17 -30.49 -14.32
N THR A 72 -28.42 -31.53 -14.65
CA THR A 72 -26.98 -31.49 -14.50
C THR A 72 -26.30 -31.54 -15.85
N ALA A 73 -25.26 -30.74 -15.99
CA ALA A 73 -24.50 -30.71 -17.22
C ALA A 73 -23.10 -31.09 -16.84
N SER A 74 -22.26 -31.43 -17.80
CA SER A 74 -20.90 -31.77 -17.47
C SER A 74 -19.96 -31.66 -18.64
N LEU A 75 -18.78 -31.14 -18.37
CA LEU A 75 -17.78 -30.99 -19.38
C LEU A 75 -16.79 -32.14 -19.25
N THR A 76 -16.22 -32.56 -20.37
CA THR A 76 -15.25 -33.62 -20.31
C THR A 76 -14.04 -33.24 -21.12
N ILE A 77 -12.88 -33.39 -20.50
CA ILE A 77 -11.64 -33.09 -21.16
C ILE A 77 -10.94 -34.42 -21.29
N SER A 78 -10.73 -34.89 -22.51
CA SER A 78 -10.04 -36.16 -22.71
C SER A 78 -8.59 -35.93 -23.16
N GLY A 79 -7.76 -36.95 -23.00
CA GLY A 79 -6.37 -36.84 -23.38
C GLY A 79 -5.66 -35.65 -22.78
N LEU A 80 -5.76 -35.53 -21.45
CA LEU A 80 -5.16 -34.44 -20.71
C LEU A 80 -3.71 -34.10 -21.02
N GLN A 81 -3.43 -32.80 -21.11
CA GLN A 81 -2.09 -32.27 -21.34
C GLN A 81 -1.82 -31.19 -20.29
N ALA A 82 -0.57 -31.04 -19.88
CA ALA A 82 -0.23 -30.06 -18.87
C ALA A 82 -0.84 -28.69 -19.14
N GLU A 83 -0.78 -28.27 -20.40
CA GLU A 83 -1.31 -26.97 -20.76
C GLU A 83 -2.80 -26.82 -20.53
N ASP A 84 -3.45 -27.90 -20.09
CA ASP A 84 -4.90 -27.86 -19.83
C ASP A 84 -5.23 -27.38 -18.44
N GLU A 85 -4.24 -27.33 -17.56
CA GLU A 85 -4.48 -26.87 -16.21
C GLU A 85 -4.99 -25.43 -16.25
N ALA A 86 -6.17 -25.23 -15.69
CA ALA A 86 -6.79 -23.92 -15.68
C ALA A 86 -8.09 -24.03 -14.90
N ASP A 87 -8.80 -22.93 -14.74
CA ASP A 87 -10.06 -22.97 -14.02
C ASP A 87 -11.14 -23.13 -15.04
N TYR A 88 -12.09 -24.01 -14.76
CA TYR A 88 -13.18 -24.24 -15.68
C TYR A 88 -14.49 -23.81 -15.04
N TYR A 89 -15.26 -23.03 -15.78
CA TYR A 89 -16.52 -22.54 -15.29
C TYR A 89 -17.58 -22.96 -16.26
N CYS A 90 -18.79 -23.13 -15.74
CA CYS A 90 -19.96 -23.51 -16.51
C CYS A 90 -21.07 -22.50 -16.22
N SER A 91 -21.84 -22.13 -17.24
CA SER A 91 -22.92 -21.18 -17.01
C SER A 91 -24.15 -21.62 -17.80
N SER A 92 -25.32 -21.19 -17.35
CA SER A 92 -26.54 -21.54 -18.01
C SER A 92 -27.42 -20.32 -18.08
N TYR A 93 -28.42 -20.35 -18.96
CA TYR A 93 -29.36 -19.26 -19.07
C TYR A 93 -30.38 -19.49 -17.98
N ALA A 94 -30.94 -18.41 -17.46
CA ALA A 94 -31.94 -18.49 -16.41
C ALA A 94 -33.29 -17.92 -16.85
N SER A 95 -34.30 -18.12 -16.02
CA SER A 95 -35.65 -17.62 -16.28
C SER A 95 -35.95 -16.45 -15.36
N GLY A 96 -35.24 -16.37 -14.25
CA GLY A 96 -35.49 -15.31 -13.28
C GLY A 96 -34.85 -13.94 -13.43
N SER A 97 -34.39 -13.42 -12.29
CA SER A 97 -33.75 -12.13 -12.19
C SER A 97 -32.71 -11.99 -13.30
N THR A 98 -31.50 -12.43 -12.97
CA THR A 98 -30.38 -12.42 -13.89
C THR A 98 -30.58 -13.53 -14.95
N PRO A 99 -30.24 -13.23 -16.22
CA PRO A 99 -30.37 -14.13 -17.37
C PRO A 99 -29.37 -15.29 -17.38
N ARG A 100 -28.12 -14.98 -17.05
CA ARG A 100 -27.05 -15.97 -17.06
C ARG A 100 -26.49 -16.23 -15.67
N ILE A 101 -26.40 -17.50 -15.31
CA ILE A 101 -25.85 -17.90 -14.02
C ILE A 101 -24.53 -18.66 -14.18
N PHE A 102 -23.60 -18.45 -13.24
CA PHE A 102 -22.30 -19.12 -13.30
C PHE A 102 -22.02 -20.14 -12.19
N GLY A 103 -20.96 -20.93 -12.36
CA GLY A 103 -20.59 -21.94 -11.38
C GLY A 103 -19.39 -21.44 -10.60
N GLY A 104 -19.18 -22.01 -9.42
CA GLY A 104 -18.07 -21.60 -8.59
C GLY A 104 -16.73 -21.83 -9.24
N GLY A 105 -16.68 -22.70 -10.25
CA GLY A 105 -15.43 -22.99 -10.92
C GLY A 105 -14.78 -24.26 -10.43
N THR A 106 -13.78 -24.73 -11.18
CA THR A 106 -13.07 -25.96 -10.85
C THR A 106 -11.65 -25.86 -11.33
N ARG A 107 -10.68 -26.01 -10.44
CA ARG A 107 -9.27 -25.98 -10.84
C ARG A 107 -8.84 -27.36 -11.37
N LEU A 108 -8.57 -27.46 -12.65
CA LEU A 108 -8.13 -28.74 -13.18
C LEU A 108 -6.63 -28.86 -12.97
N THR A 109 -6.21 -29.69 -12.03
CA THR A 109 -4.79 -29.84 -11.81
C THR A 109 -4.33 -31.15 -12.42
N VAL A 110 -3.51 -31.06 -13.46
CA VAL A 110 -3.00 -32.26 -14.10
C VAL A 110 -1.82 -32.73 -13.26
N LEU A 111 -1.87 -33.98 -12.83
CA LEU A 111 -0.81 -34.51 -11.99
C LEU A 111 0.53 -34.50 -12.69
N GLY A 112 1.53 -34.01 -11.99
CA GLY A 112 2.87 -33.96 -12.56
C GLY A 112 3.88 -34.65 -11.67
N GLN A 113 3.44 -35.02 -10.47
CA GLN A 113 4.25 -35.69 -9.47
C GLN A 113 3.29 -36.47 -8.59
N PRO A 114 3.79 -37.42 -7.81
CA PRO A 114 2.93 -38.22 -6.92
C PRO A 114 2.08 -37.36 -6.02
N LYS A 115 0.89 -37.84 -5.67
CA LYS A 115 0.01 -37.11 -4.79
C LYS A 115 0.66 -37.00 -3.41
N ALA A 116 0.30 -35.98 -2.65
CA ALA A 116 0.87 -35.77 -1.33
C ALA A 116 -0.20 -35.47 -0.25
N ALA A 117 -0.42 -36.42 0.66
CA ALA A 117 -1.39 -36.18 1.73
C ALA A 117 -0.79 -35.13 2.63
N PRO A 118 -1.62 -34.27 3.23
CA PRO A 118 -1.17 -33.19 4.13
C PRO A 118 -0.71 -33.61 5.52
N SER A 119 -0.01 -32.69 6.19
CA SER A 119 0.44 -32.91 7.55
C SER A 119 -0.38 -31.91 8.34
N VAL A 120 -1.12 -32.41 9.32
CA VAL A 120 -1.99 -31.55 10.13
C VAL A 120 -1.50 -31.47 11.58
N THR A 121 -1.24 -30.24 12.03
CA THR A 121 -0.79 -29.99 13.39
C THR A 121 -1.71 -28.97 14.06
N LEU A 122 -2.37 -29.39 15.14
CA LEU A 122 -3.29 -28.54 15.87
C LEU A 122 -2.61 -27.87 17.08
N PHE A 123 -3.10 -26.68 17.45
CA PHE A 123 -2.54 -25.92 18.57
C PHE A 123 -3.57 -25.40 19.57
N PRO A 124 -3.41 -25.73 20.86
CA PRO A 124 -4.32 -25.29 21.93
C PRO A 124 -4.05 -23.82 22.21
N PRO A 125 -5.04 -23.11 22.79
CA PRO A 125 -4.83 -21.70 23.10
C PRO A 125 -3.70 -21.56 24.12
N SER A 126 -2.80 -20.61 23.89
CA SER A 126 -1.68 -20.40 24.80
C SER A 126 -2.19 -19.79 26.10
N SER A 127 -1.70 -20.31 27.23
CA SER A 127 -2.11 -19.80 28.53
C SER A 127 -1.87 -18.29 28.51
N GLU A 128 -0.79 -17.87 27.87
CA GLU A 128 -0.46 -16.47 27.75
C GLU A 128 -1.71 -15.76 27.23
N GLU A 129 -2.26 -16.32 26.14
CA GLU A 129 -3.45 -15.76 25.50
C GLU A 129 -4.69 -15.91 26.36
N LEU A 130 -4.74 -16.98 27.15
CA LEU A 130 -5.89 -17.24 28.02
C LEU A 130 -6.03 -16.22 29.14
N GLN A 131 -4.91 -15.60 29.53
CA GLN A 131 -4.93 -14.58 30.57
C GLN A 131 -5.40 -13.28 29.96
N ALA A 132 -5.17 -13.14 28.65
CA ALA A 132 -5.59 -11.95 27.93
C ALA A 132 -7.10 -12.02 27.77
N ASN A 133 -7.70 -13.08 28.33
CA ASN A 133 -9.15 -13.31 28.27
C ASN A 133 -9.60 -13.58 26.84
N LYS A 134 -8.82 -14.41 26.14
CA LYS A 134 -9.15 -14.74 24.77
C LYS A 134 -8.45 -16.03 24.37
N ALA A 135 -9.11 -16.81 23.52
CA ALA A 135 -8.54 -18.07 23.05
C ALA A 135 -8.74 -18.24 21.54
N THR A 136 -7.73 -18.83 20.89
CA THR A 136 -7.81 -19.09 19.46
C THR A 136 -6.94 -20.31 19.19
N LEU A 137 -7.43 -21.18 18.32
CA LEU A 137 -6.71 -22.40 17.98
C LEU A 137 -6.14 -22.25 16.58
N VAL A 138 -5.11 -23.03 16.29
CA VAL A 138 -4.49 -22.97 14.99
C VAL A 138 -4.27 -24.37 14.47
N CYS A 139 -4.58 -24.55 13.19
CA CYS A 139 -4.44 -25.83 12.51
C CYS A 139 -3.51 -25.62 11.34
N LEU A 140 -2.48 -26.46 11.25
CA LEU A 140 -1.49 -26.36 10.18
C LEU A 140 -1.56 -27.47 9.16
N ILE A 141 -1.89 -27.10 7.93
CA ILE A 141 -1.97 -28.06 6.85
C ILE A 141 -0.72 -27.87 6.00
N SER A 142 0.07 -28.91 5.81
CA SER A 142 1.25 -28.76 4.98
C SER A 142 1.71 -30.00 4.26
N ASP A 143 2.56 -29.78 3.26
CA ASP A 143 3.12 -30.84 2.45
C ASP A 143 2.13 -31.56 1.59
N PHE A 144 1.21 -30.82 0.97
CA PHE A 144 0.24 -31.48 0.12
C PHE A 144 0.23 -31.06 -1.33
N TYR A 145 -0.15 -32.01 -2.17
CA TYR A 145 -0.25 -31.82 -3.60
C TYR A 145 -1.28 -32.81 -4.14
N PRO A 146 -2.19 -32.34 -5.00
CA PRO A 146 -2.36 -30.99 -5.51
C PRO A 146 -2.62 -29.99 -4.38
N GLY A 147 -2.60 -28.71 -4.74
CA GLY A 147 -2.79 -27.66 -3.76
C GLY A 147 -4.23 -27.24 -3.50
N ALA A 148 -5.01 -28.15 -2.92
CA ALA A 148 -6.40 -27.88 -2.63
C ALA A 148 -6.90 -28.73 -1.47
N VAL A 149 -7.48 -28.11 -0.46
CA VAL A 149 -8.02 -28.87 0.65
C VAL A 149 -9.15 -28.09 1.26
N THR A 150 -9.93 -28.77 2.09
CA THR A 150 -11.02 -28.11 2.77
C THR A 150 -10.79 -28.34 4.25
N VAL A 151 -11.03 -27.30 5.03
CA VAL A 151 -10.85 -27.35 6.47
C VAL A 151 -12.16 -27.12 7.17
N ALA A 152 -12.53 -28.04 8.05
CA ALA A 152 -13.75 -27.90 8.82
C ALA A 152 -13.35 -27.99 10.28
N TRP A 153 -14.09 -27.30 11.14
CA TRP A 153 -13.79 -27.33 12.56
C TRP A 153 -14.90 -28.02 13.30
N LYS A 154 -14.57 -28.63 14.42
CA LYS A 154 -15.57 -29.36 15.18
C LYS A 154 -15.44 -29.11 16.68
N ALA A 155 -16.57 -29.03 17.36
CA ALA A 155 -16.62 -28.79 18.79
C ALA A 155 -17.35 -29.96 19.47
N ASP A 156 -16.67 -31.09 19.61
CA ASP A 156 -17.28 -32.25 20.21
C ASP A 156 -18.33 -32.81 19.27
N SER A 157 -17.88 -33.45 18.20
CA SER A 157 -18.82 -34.03 17.23
C SER A 157 -19.88 -33.02 16.83
N SER A 158 -19.58 -31.73 16.96
CA SER A 158 -20.55 -30.71 16.61
C SER A 158 -19.96 -29.61 15.74
N PRO A 159 -20.28 -29.61 14.44
CA PRO A 159 -19.80 -28.64 13.45
C PRO A 159 -19.76 -27.19 13.95
N VAL A 160 -18.62 -26.55 13.76
CA VAL A 160 -18.44 -25.16 14.17
C VAL A 160 -18.48 -24.22 12.99
N LYS A 161 -19.68 -23.75 12.68
CA LYS A 161 -19.95 -22.83 11.58
C LYS A 161 -19.13 -21.52 11.62
N ALA A 162 -19.48 -20.66 12.57
CA ALA A 162 -18.84 -19.37 12.74
C ALA A 162 -17.52 -19.45 13.47
N GLY A 163 -16.77 -18.35 13.41
CA GLY A 163 -15.50 -18.28 14.10
C GLY A 163 -14.26 -18.82 13.39
N VAL A 164 -14.43 -19.37 12.19
CA VAL A 164 -13.31 -19.95 11.46
C VAL A 164 -12.74 -19.02 10.40
N GLU A 165 -11.48 -19.24 10.04
CA GLU A 165 -10.79 -18.45 9.04
C GLU A 165 -9.61 -19.21 8.43
N THR A 166 -9.86 -19.89 7.30
CA THR A 166 -8.82 -20.63 6.61
C THR A 166 -8.19 -19.78 5.51
N THR A 167 -6.91 -20.05 5.22
CA THR A 167 -6.15 -19.32 4.21
C THR A 167 -6.04 -20.13 2.92
N THR A 168 -5.72 -19.45 1.83
CA THR A 168 -5.57 -20.11 0.56
C THR A 168 -4.25 -20.84 0.56
N PRO A 169 -4.23 -22.07 0.05
CA PRO A 169 -2.97 -22.81 0.04
C PRO A 169 -1.97 -22.21 -0.94
N SER A 170 -0.74 -22.03 -0.47
CA SER A 170 0.34 -21.46 -1.29
C SER A 170 1.38 -22.51 -1.63
N LYS A 171 1.93 -22.42 -2.83
CA LYS A 171 2.95 -23.36 -3.28
C LYS A 171 4.24 -23.08 -2.50
N GLN A 172 5.05 -24.10 -2.28
CA GLN A 172 6.28 -23.94 -1.53
C GLN A 172 7.49 -24.47 -2.29
N SER A 173 8.68 -24.26 -1.72
CA SER A 173 9.94 -24.70 -2.32
C SER A 173 9.83 -26.10 -2.92
N ASN A 174 9.45 -27.07 -2.08
CA ASN A 174 9.31 -28.46 -2.51
C ASN A 174 8.22 -28.65 -3.53
N ASN A 175 7.60 -27.55 -3.95
CA ASN A 175 6.54 -27.59 -4.95
C ASN A 175 5.26 -28.26 -4.45
N LYS A 176 5.12 -28.27 -3.12
CA LYS A 176 3.95 -28.82 -2.47
C LYS A 176 3.33 -27.60 -1.81
N TYR A 177 2.06 -27.69 -1.41
CA TYR A 177 1.41 -26.54 -0.80
C TYR A 177 1.22 -26.68 0.70
N ALA A 178 1.05 -25.52 1.34
CA ALA A 178 0.81 -25.47 2.77
C ALA A 178 -0.43 -24.60 2.95
N ALA A 179 -0.83 -24.37 4.20
CA ALA A 179 -2.02 -23.54 4.47
C ALA A 179 -2.38 -23.60 5.95
N SER A 180 -3.18 -22.66 6.41
CA SER A 180 -3.57 -22.69 7.81
C SER A 180 -5.01 -22.27 8.04
N SER A 181 -5.47 -22.45 9.27
CA SER A 181 -6.82 -22.08 9.65
C SER A 181 -6.82 -21.87 11.15
N TYR A 182 -7.59 -20.89 11.60
CA TYR A 182 -7.68 -20.62 13.02
C TYR A 182 -9.13 -20.38 13.41
N LEU A 183 -9.49 -20.79 14.62
CA LEU A 183 -10.83 -20.63 15.12
C LEU A 183 -10.74 -19.76 16.38
N SER A 184 -11.54 -18.70 16.45
CA SER A 184 -11.51 -17.82 17.61
C SER A 184 -12.58 -18.17 18.63
N LEU A 185 -12.15 -18.45 19.86
CA LEU A 185 -13.09 -18.83 20.90
C LEU A 185 -12.88 -17.99 22.15
N THR A 186 -13.97 -17.72 22.86
CA THR A 186 -13.86 -16.99 24.11
C THR A 186 -13.26 -18.05 25.03
N PRO A 187 -12.58 -17.64 26.12
CA PRO A 187 -12.02 -18.69 26.97
C PRO A 187 -13.12 -19.63 27.49
N GLU A 188 -14.29 -19.08 27.77
CA GLU A 188 -15.40 -19.90 28.25
C GLU A 188 -15.56 -21.08 27.31
N GLN A 189 -16.03 -20.80 26.09
CA GLN A 189 -16.23 -21.80 25.06
C GLN A 189 -15.17 -22.89 25.11
N TRP A 190 -13.91 -22.48 25.14
CA TRP A 190 -12.78 -23.40 25.18
C TRP A 190 -12.98 -24.48 26.25
N LYS A 191 -12.90 -24.08 27.52
CA LYS A 191 -13.07 -25.04 28.61
C LYS A 191 -14.48 -25.62 28.66
N SER A 192 -15.42 -24.90 28.05
CA SER A 192 -16.81 -25.32 28.02
C SER A 192 -17.06 -26.64 27.30
N HIS A 193 -16.15 -27.01 26.39
CA HIS A 193 -16.28 -28.24 25.60
C HIS A 193 -15.23 -29.29 25.92
N ARG A 194 -15.60 -30.56 25.78
CA ARG A 194 -14.69 -31.68 26.04
C ARG A 194 -13.40 -31.48 25.24
N SER A 195 -13.54 -31.14 23.96
CA SER A 195 -12.40 -30.94 23.09
C SER A 195 -12.85 -30.33 21.76
N TYR A 196 -11.87 -29.91 20.96
CA TYR A 196 -12.13 -29.33 19.65
C TYR A 196 -11.33 -30.11 18.60
N SER A 197 -11.83 -30.13 17.37
CA SER A 197 -11.15 -30.86 16.32
C SER A 197 -11.02 -30.08 15.01
N CYS A 198 -9.96 -30.41 14.29
CA CYS A 198 -9.68 -29.80 13.01
C CYS A 198 -9.70 -30.90 11.95
N GLN A 199 -10.73 -30.85 11.11
CA GLN A 199 -10.93 -31.81 10.04
C GLN A 199 -10.40 -31.25 8.72
N VAL A 200 -9.43 -31.96 8.13
CA VAL A 200 -8.80 -31.53 6.89
C VAL A 200 -9.01 -32.50 5.75
N THR A 201 -9.67 -32.04 4.69
CA THR A 201 -9.94 -32.91 3.54
C THR A 201 -9.01 -32.64 2.37
N HIS A 202 -8.46 -33.70 1.77
CA HIS A 202 -7.57 -33.56 0.62
C HIS A 202 -7.78 -34.68 -0.38
N GLU A 203 -8.34 -34.34 -1.55
CA GLU A 203 -8.58 -35.30 -2.59
C GLU A 203 -9.45 -36.45 -2.10
N GLY A 204 -10.48 -36.12 -1.33
CA GLY A 204 -11.38 -37.14 -0.83
C GLY A 204 -11.09 -37.63 0.58
N SER A 205 -9.82 -37.89 0.87
CA SER A 205 -9.44 -38.38 2.20
C SER A 205 -9.36 -37.28 3.26
N THR A 206 -10.04 -37.50 4.37
CA THR A 206 -10.09 -36.55 5.48
C THR A 206 -9.41 -37.06 6.73
N VAL A 207 -8.65 -36.20 7.37
CA VAL A 207 -7.95 -36.53 8.59
C VAL A 207 -8.34 -35.48 9.61
N GLU A 208 -8.21 -35.82 10.88
CA GLU A 208 -8.56 -34.90 11.94
C GLU A 208 -7.49 -34.88 13.01
N LYS A 209 -7.59 -33.90 13.90
CA LYS A 209 -6.68 -33.77 15.01
C LYS A 209 -7.51 -33.13 16.10
N THR A 210 -7.32 -33.58 17.35
CA THR A 210 -8.10 -33.04 18.45
C THR A 210 -7.19 -32.45 19.51
N VAL A 211 -7.78 -31.57 20.31
CA VAL A 211 -7.10 -30.86 21.36
C VAL A 211 -8.12 -30.55 22.44
N ALA A 212 -7.75 -30.81 23.71
CA ALA A 212 -8.65 -30.58 24.85
C ALA A 212 -8.20 -29.45 25.79
N PRO A 213 -9.15 -28.86 26.52
CA PRO A 213 -8.87 -27.78 27.47
C PRO A 213 -7.92 -28.15 28.60
N THR A 214 -7.33 -27.11 29.18
CA THR A 214 -6.38 -27.20 30.31
C THR A 214 -5.45 -28.40 30.41
N GLU A 215 -4.17 -28.15 30.16
CA GLU A 215 -3.14 -29.18 30.24
C GLU A 215 -1.77 -28.58 29.87
N CYS A 216 -0.70 -29.25 30.30
CA CYS A 216 0.66 -28.80 30.03
C CYS A 216 1.62 -29.94 29.74
N SER A 217 1.70 -30.33 28.46
CA SER A 217 2.59 -31.42 28.05
C SER A 217 4.06 -31.02 28.18
N PCA B 1 -8.57 -15.87 -29.03
CA PCA B 1 -8.91 -15.11 -30.25
CB PCA B 1 -10.34 -15.49 -30.66
CG PCA B 1 -10.72 -16.58 -29.65
CD PCA B 1 -9.38 -16.93 -28.98
OE PCA B 1 -9.05 -18.02 -28.49
C PCA B 1 -8.82 -13.62 -29.95
O PCA B 1 -8.13 -13.22 -29.01
N SER B 2 -9.53 -12.82 -30.74
CA SER B 2 -9.55 -11.36 -30.56
C SER B 2 -9.94 -11.00 -29.13
N ALA B 3 -8.93 -10.89 -28.26
CA ALA B 3 -9.17 -10.54 -26.87
C ALA B 3 -9.27 -9.03 -26.70
N LEU B 4 -10.36 -8.60 -26.06
CA LEU B 4 -10.63 -7.20 -25.77
C LEU B 4 -9.71 -6.74 -24.62
N PRO B 5 -8.81 -5.78 -24.87
CA PRO B 5 -7.94 -5.34 -23.78
C PRO B 5 -8.64 -4.49 -22.71
N GLN B 6 -8.32 -4.76 -21.45
CA GLN B 6 -8.85 -4.04 -20.30
C GLN B 6 -7.64 -3.56 -19.50
N PRO B 7 -7.81 -2.47 -18.73
CA PRO B 7 -6.66 -2.00 -17.95
C PRO B 7 -6.35 -3.06 -16.91
N ALA B 8 -5.08 -3.42 -16.79
CA ALA B 8 -4.69 -4.46 -15.85
C ALA B 8 -5.25 -4.25 -14.45
N SER B 9 -5.42 -2.99 -14.06
CA SER B 9 -5.93 -2.71 -12.72
C SER B 9 -6.12 -1.24 -12.42
N VAL B 10 -7.21 -0.94 -11.73
CA VAL B 10 -7.53 0.41 -11.29
C VAL B 10 -7.71 0.32 -9.79
N SER B 11 -7.52 1.44 -9.11
CA SER B 11 -7.66 1.47 -7.66
C SER B 11 -8.35 2.76 -7.28
N GLY B 12 -9.20 2.69 -6.25
CA GLY B 12 -9.90 3.88 -5.80
C GLY B 12 -10.20 3.81 -4.32
N SER B 13 -10.64 4.91 -3.73
CA SER B 13 -10.97 4.91 -2.30
C SER B 13 -12.49 4.79 -2.19
N PRO B 14 -13.00 4.40 -1.03
CA PRO B 14 -14.45 4.26 -0.87
C PRO B 14 -15.27 5.48 -1.33
N GLY B 15 -16.50 5.24 -1.75
CA GLY B 15 -17.36 6.33 -2.21
C GLY B 15 -16.99 6.98 -3.53
N GLN B 16 -15.74 6.87 -3.95
CA GLN B 16 -15.31 7.46 -5.23
C GLN B 16 -15.96 6.74 -6.39
N SER B 17 -15.44 6.95 -7.59
CA SER B 17 -15.98 6.29 -8.76
C SER B 17 -15.00 5.88 -9.84
N ILE B 18 -14.86 4.58 -10.03
CA ILE B 18 -13.96 4.07 -11.05
C ILE B 18 -14.78 3.69 -12.28
N THR B 19 -14.08 3.58 -13.40
CA THR B 19 -14.69 3.21 -14.67
C THR B 19 -13.65 2.34 -15.38
N ILE B 20 -14.08 1.21 -15.96
CA ILE B 20 -13.15 0.32 -16.62
C ILE B 20 -13.42 0.20 -18.12
N SER B 21 -12.38 0.44 -18.92
CA SER B 21 -12.52 0.38 -20.37
C SER B 21 -12.27 -1.00 -20.95
N CYS B 22 -13.03 -1.28 -22.01
CA CYS B 22 -12.96 -2.54 -22.74
C CYS B 22 -12.63 -2.22 -24.19
N THR B 23 -11.35 -2.00 -24.49
CA THR B 23 -10.98 -1.68 -25.86
C THR B 23 -11.63 -2.71 -26.79
N GLY B 24 -11.97 -2.31 -28.01
CA GLY B 24 -12.60 -3.25 -28.92
C GLY B 24 -12.45 -2.79 -30.36
N THR B 25 -13.39 -3.19 -31.22
CA THR B 25 -13.36 -2.80 -32.62
C THR B 25 -14.76 -2.75 -33.20
N SER B 26 -14.82 -2.55 -34.50
CA SER B 26 -16.08 -2.47 -35.22
C SER B 26 -16.73 -3.84 -35.32
N SER B 27 -15.90 -4.88 -35.31
CA SER B 27 -16.35 -6.28 -35.41
C SER B 27 -16.98 -6.81 -34.13
N ASP B 28 -16.54 -6.30 -33.00
CA ASP B 28 -17.11 -6.74 -31.74
C ASP B 28 -17.81 -5.58 -31.05
N VAL B 29 -17.17 -5.00 -30.04
CA VAL B 29 -17.71 -3.88 -29.26
C VAL B 29 -18.59 -2.91 -30.06
N GLY B 30 -17.97 -2.28 -31.07
CA GLY B 30 -18.69 -1.35 -31.92
C GLY B 30 -19.19 -2.05 -33.15
N GLY B 31 -20.02 -3.07 -32.95
CA GLY B 31 -20.55 -3.81 -34.07
C GLY B 31 -21.94 -4.26 -33.69
N TYR B 32 -22.13 -4.48 -32.41
CA TYR B 32 -23.40 -4.93 -31.88
C TYR B 32 -23.57 -4.36 -30.50
N ASP B 33 -24.78 -4.43 -29.96
CA ASP B 33 -25.01 -3.95 -28.61
C ASP B 33 -25.16 -5.23 -27.80
N LEU B 34 -24.05 -5.95 -27.69
CA LEU B 34 -24.01 -7.21 -26.98
C LEU B 34 -22.79 -7.38 -26.08
N VAL B 35 -22.44 -6.33 -25.34
CA VAL B 35 -21.31 -6.42 -24.44
C VAL B 35 -21.83 -6.77 -23.05
N SER B 36 -21.03 -7.49 -22.30
CA SER B 36 -21.39 -7.88 -20.95
C SER B 36 -20.21 -7.72 -20.02
N TRP B 37 -20.51 -7.39 -18.77
CA TRP B 37 -19.47 -7.25 -17.75
C TRP B 37 -19.76 -8.28 -16.68
N TYR B 38 -18.70 -8.85 -16.15
CA TYR B 38 -18.86 -9.85 -15.13
C TYR B 38 -18.03 -9.38 -13.96
N GLN B 39 -18.48 -9.72 -12.76
CA GLN B 39 -17.75 -9.38 -11.57
C GLN B 39 -17.34 -10.72 -10.99
N HIS B 40 -16.05 -10.89 -10.74
CA HIS B 40 -15.58 -12.13 -10.16
C HIS B 40 -14.64 -11.94 -8.98
N HIS B 41 -15.03 -12.54 -7.86
CA HIS B 41 -14.20 -12.51 -6.66
C HIS B 41 -13.50 -13.87 -6.75
N PRO B 42 -12.20 -13.90 -7.06
CA PRO B 42 -11.50 -15.19 -7.15
C PRO B 42 -12.00 -16.19 -6.11
N GLY B 43 -12.32 -17.40 -6.55
CA GLY B 43 -12.81 -18.38 -5.60
C GLY B 43 -14.31 -18.53 -5.72
N GLY B 44 -14.99 -17.45 -6.12
CA GLY B 44 -16.43 -17.51 -6.26
C GLY B 44 -16.89 -17.65 -7.70
N ALA B 45 -18.21 -17.73 -7.89
CA ALA B 45 -18.81 -17.84 -9.21
C ALA B 45 -18.99 -16.45 -9.77
N PRO B 46 -18.62 -16.24 -11.05
CA PRO B 46 -18.77 -14.93 -11.65
C PRO B 46 -20.22 -14.45 -11.61
N LYS B 47 -20.40 -13.13 -11.51
CA LYS B 47 -21.73 -12.53 -11.51
C LYS B 47 -21.88 -11.73 -12.81
N LEU B 48 -23.05 -11.80 -13.42
CA LEU B 48 -23.32 -11.05 -14.65
C LEU B 48 -23.98 -9.73 -14.20
N ILE B 49 -23.19 -8.67 -14.21
CA ILE B 49 -23.67 -7.37 -13.78
C ILE B 49 -24.14 -6.52 -14.97
N ILE B 50 -23.57 -6.79 -16.15
CA ILE B 50 -23.94 -6.02 -17.33
C ILE B 50 -24.07 -6.85 -18.61
N TYR B 51 -25.14 -6.58 -19.37
CA TYR B 51 -25.38 -7.26 -20.65
C TYR B 51 -26.11 -6.36 -21.63
N GLU B 52 -25.79 -6.49 -22.91
CA GLU B 52 -26.42 -5.66 -23.94
C GLU B 52 -25.97 -4.21 -23.75
N VAL B 53 -24.70 -4.09 -23.37
CA VAL B 53 -24.04 -2.81 -23.15
C VAL B 53 -24.50 -1.98 -21.98
N THR B 54 -25.81 -1.92 -21.74
CA THR B 54 -26.28 -1.07 -20.66
C THR B 54 -27.30 -1.67 -19.72
N ASN B 55 -27.77 -2.88 -20.01
CA ASN B 55 -28.74 -3.51 -19.14
C ASN B 55 -28.09 -3.91 -17.83
N ARG B 56 -28.92 -4.22 -16.84
CA ARG B 56 -28.43 -4.57 -15.51
C ARG B 56 -29.46 -5.44 -14.81
N PRO B 57 -29.09 -6.69 -14.50
CA PRO B 57 -29.99 -7.63 -13.83
C PRO B 57 -30.82 -7.05 -12.67
N SER B 58 -32.10 -7.40 -12.63
CA SER B 58 -33.01 -6.94 -11.59
C SER B 58 -32.56 -7.48 -10.22
N GLY B 59 -31.33 -7.17 -9.83
CA GLY B 59 -30.81 -7.65 -8.58
C GLY B 59 -29.40 -7.16 -8.33
N VAL B 60 -28.79 -6.66 -9.38
CA VAL B 60 -27.43 -6.11 -9.31
C VAL B 60 -27.50 -4.63 -8.95
N SER B 61 -26.74 -4.23 -7.93
CA SER B 61 -26.69 -2.84 -7.44
C SER B 61 -26.60 -1.80 -8.55
N ASP B 62 -27.48 -0.80 -8.51
CA ASP B 62 -27.48 0.25 -9.52
C ASP B 62 -26.24 1.13 -9.52
N ARG B 63 -25.29 0.87 -8.61
CA ARG B 63 -24.07 1.66 -8.60
C ARG B 63 -23.20 1.23 -9.78
N PHE B 64 -23.64 0.16 -10.45
CA PHE B 64 -22.95 -0.39 -11.60
C PHE B 64 -23.64 0.01 -12.90
N SER B 65 -22.89 0.59 -13.83
CA SER B 65 -23.46 0.98 -15.11
C SER B 65 -22.46 0.81 -16.23
N GLY B 66 -22.97 0.51 -17.42
CA GLY B 66 -22.12 0.33 -18.59
C GLY B 66 -22.53 1.12 -19.82
N SER B 67 -21.68 1.10 -20.84
CA SER B 67 -21.94 1.81 -22.08
C SER B 67 -20.72 1.73 -23.01
N LYS B 68 -20.86 2.32 -24.20
CA LYS B 68 -19.76 2.33 -25.14
C LYS B 68 -19.74 3.59 -26.01
N SER B 69 -18.57 3.94 -26.49
CA SER B 69 -18.38 5.10 -27.33
C SER B 69 -17.47 4.65 -28.46
N GLY B 70 -18.08 4.30 -29.58
CA GLY B 70 -17.30 3.84 -30.71
C GLY B 70 -17.05 2.36 -30.55
N ASN B 71 -15.78 1.99 -30.51
CA ASN B 71 -15.41 0.60 -30.36
C ASN B 71 -14.92 0.32 -28.96
N THR B 72 -15.29 1.17 -28.01
CA THR B 72 -14.90 1.00 -26.62
C THR B 72 -16.12 0.97 -25.70
N ALA B 73 -16.14 -0.02 -24.82
CA ALA B 73 -17.23 -0.15 -23.86
C ALA B 73 -16.57 0.06 -22.50
N SER B 74 -17.36 0.41 -21.50
CA SER B 74 -16.76 0.61 -20.19
C SER B 74 -17.75 0.60 -19.03
N LEU B 75 -17.33 -0.07 -17.96
CA LEU B 75 -18.12 -0.17 -16.76
C LEU B 75 -17.64 0.92 -15.82
N THR B 76 -18.56 1.50 -15.07
CA THR B 76 -18.21 2.55 -14.14
C THR B 76 -18.94 2.25 -12.84
N ILE B 77 -18.20 2.26 -11.73
CA ILE B 77 -18.82 2.00 -10.44
C ILE B 77 -18.85 3.28 -9.62
N SER B 78 -19.99 3.52 -8.97
CA SER B 78 -20.14 4.71 -8.16
C SER B 78 -20.17 4.36 -6.68
N GLY B 79 -19.75 5.32 -5.84
CA GLY B 79 -19.76 5.12 -4.39
C GLY B 79 -19.14 3.82 -3.97
N LEU B 80 -17.91 3.58 -4.44
CA LEU B 80 -17.18 2.36 -4.13
C LEU B 80 -17.49 1.84 -2.74
N GLN B 81 -17.79 0.55 -2.64
CA GLN B 81 -18.06 -0.09 -1.37
C GLN B 81 -16.92 -1.05 -1.13
N ALA B 82 -17.12 -1.99 -0.20
CA ALA B 82 -16.10 -3.00 0.11
C ALA B 82 -16.24 -4.18 -0.85
N GLU B 83 -17.45 -4.71 -0.95
CA GLU B 83 -17.73 -5.84 -1.82
C GLU B 83 -17.10 -5.63 -3.19
N ASP B 84 -17.27 -4.41 -3.70
CA ASP B 84 -16.77 -4.03 -5.01
C ASP B 84 -15.36 -4.48 -5.42
N GLU B 85 -14.49 -4.70 -4.45
CA GLU B 85 -13.12 -5.10 -4.76
C GLU B 85 -13.07 -6.52 -5.30
N ALA B 86 -12.95 -6.63 -6.62
CA ALA B 86 -12.92 -7.91 -7.32
C ALA B 86 -12.19 -7.74 -8.64
N ASP B 87 -12.46 -8.66 -9.56
CA ASP B 87 -11.87 -8.63 -10.89
C ASP B 87 -13.04 -8.39 -11.84
N TYR B 88 -12.84 -7.53 -12.82
CA TYR B 88 -13.91 -7.25 -13.77
C TYR B 88 -13.57 -7.59 -15.20
N TYR B 89 -14.53 -8.21 -15.86
CA TYR B 89 -14.37 -8.63 -17.23
C TYR B 89 -15.50 -8.14 -18.11
N CYS B 90 -15.17 -7.94 -19.38
CA CYS B 90 -16.15 -7.54 -20.38
C CYS B 90 -16.07 -8.61 -21.46
N SER B 91 -17.17 -8.85 -22.15
CA SER B 91 -17.20 -9.84 -23.22
C SER B 91 -18.06 -9.22 -24.29
N SER B 92 -18.07 -9.80 -25.48
CA SER B 92 -18.90 -9.23 -26.55
C SER B 92 -19.12 -10.16 -27.73
N TYR B 93 -20.29 -10.03 -28.35
CA TYR B 93 -20.65 -10.79 -29.53
C TYR B 93 -19.61 -10.34 -30.56
N ALA B 94 -19.32 -11.17 -31.57
CA ALA B 94 -18.33 -10.81 -32.60
C ALA B 94 -18.86 -11.18 -33.97
N SER B 95 -18.16 -10.75 -35.03
CA SER B 95 -18.62 -11.05 -36.39
C SER B 95 -17.97 -12.27 -37.04
N GLY B 96 -17.15 -12.99 -36.27
CA GLY B 96 -16.48 -14.17 -36.78
C GLY B 96 -17.01 -15.47 -36.22
N SER B 97 -16.21 -16.52 -36.27
CA SER B 97 -16.62 -17.82 -35.76
C SER B 97 -17.06 -17.73 -34.30
N THR B 98 -16.12 -17.27 -33.47
CA THR B 98 -16.26 -17.06 -32.03
C THR B 98 -17.58 -16.43 -31.64
N PRO B 99 -18.39 -17.14 -30.87
CA PRO B 99 -19.69 -16.60 -30.46
C PRO B 99 -19.59 -15.40 -29.53
N ARG B 100 -18.46 -15.31 -28.80
CA ARG B 100 -18.22 -14.22 -27.86
C ARG B 100 -16.79 -14.15 -27.34
N ILE B 101 -16.16 -12.97 -27.46
CA ILE B 101 -14.80 -12.76 -26.96
C ILE B 101 -14.83 -12.04 -25.62
N PHE B 102 -13.86 -12.36 -24.77
CA PHE B 102 -13.78 -11.82 -23.40
C PHE B 102 -12.64 -10.82 -23.19
N GLY B 103 -12.87 -9.93 -22.23
CA GLY B 103 -11.85 -8.96 -21.87
C GLY B 103 -10.77 -9.71 -21.14
N GLY B 104 -9.62 -9.07 -20.93
CA GLY B 104 -8.53 -9.73 -20.25
C GLY B 104 -8.54 -9.59 -18.73
N GLY B 105 -9.60 -8.98 -18.20
CA GLY B 105 -9.68 -8.79 -16.76
C GLY B 105 -9.04 -7.53 -16.18
N THR B 106 -9.76 -6.87 -15.29
CA THR B 106 -9.27 -5.68 -14.63
C THR B 106 -9.52 -5.90 -13.16
N ARG B 107 -8.44 -5.90 -12.39
CA ARG B 107 -8.53 -6.09 -10.95
C ARG B 107 -8.75 -4.75 -10.26
N LEU B 108 -9.90 -4.58 -9.62
CA LEU B 108 -10.16 -3.33 -8.94
C LEU B 108 -9.81 -3.39 -7.47
N THR B 109 -8.88 -2.53 -7.08
CA THR B 109 -8.42 -2.47 -5.69
C THR B 109 -9.15 -1.33 -4.98
N VAL B 110 -10.09 -1.68 -4.12
CA VAL B 110 -10.82 -0.67 -3.35
C VAL B 110 -10.11 -0.58 -2.02
N LEU B 111 -9.25 0.42 -1.91
CA LEU B 111 -8.50 0.58 -0.69
C LEU B 111 -9.43 0.59 0.54
N GLY B 112 -9.90 1.77 0.93
CA GLY B 112 -10.75 1.86 2.10
C GLY B 112 -9.92 2.55 3.15
N GLN B 113 -8.65 2.14 3.21
CA GLN B 113 -7.68 2.72 4.13
C GLN B 113 -8.15 2.78 5.60
N PRO B 114 -8.92 1.78 6.07
CA PRO B 114 -9.32 1.90 7.47
C PRO B 114 -8.30 1.36 8.47
N LYS B 115 -7.02 1.43 8.12
CA LYS B 115 -5.90 0.97 8.95
C LYS B 115 -6.24 0.37 10.31
N ALA B 116 -5.79 -0.87 10.54
CA ALA B 116 -6.04 -1.58 11.80
C ALA B 116 -4.77 -2.31 12.30
N ALA B 117 -4.67 -2.50 13.61
CA ALA B 117 -3.52 -3.16 14.23
C ALA B 117 -3.57 -4.69 14.15
N PRO B 118 -2.39 -5.32 13.92
CA PRO B 118 -2.24 -6.77 13.81
C PRO B 118 -2.31 -7.54 15.12
N SER B 119 -3.51 -7.74 15.66
CA SER B 119 -3.65 -8.50 16.90
C SER B 119 -2.84 -9.78 16.71
N VAL B 120 -1.68 -9.85 17.37
CA VAL B 120 -0.78 -10.99 17.25
C VAL B 120 -0.88 -12.01 18.40
N THR B 121 -0.83 -13.30 18.05
CA THR B 121 -0.92 -14.39 19.02
C THR B 121 0.18 -15.43 18.82
N LEU B 122 1.06 -15.56 19.82
CA LEU B 122 2.16 -16.51 19.75
C LEU B 122 1.82 -17.84 20.44
N PHE B 123 1.95 -18.93 19.69
CA PHE B 123 1.67 -20.29 20.17
C PHE B 123 2.95 -21.02 20.46
N PRO B 124 2.96 -21.84 21.51
CA PRO B 124 4.16 -22.61 21.86
C PRO B 124 4.03 -23.91 21.06
N PRO B 125 5.06 -24.76 21.07
CA PRO B 125 4.95 -26.01 20.31
C PRO B 125 3.77 -26.83 20.81
N SER B 126 3.52 -27.95 20.17
CA SER B 126 2.41 -28.83 20.56
C SER B 126 2.94 -30.17 21.06
N SER B 127 2.16 -30.81 21.92
CA SER B 127 2.53 -32.10 22.48
C SER B 127 2.76 -33.13 21.38
N GLU B 128 1.72 -33.42 20.62
CA GLU B 128 1.79 -34.39 19.53
C GLU B 128 3.04 -34.13 18.69
N GLU B 129 3.30 -32.85 18.42
CA GLU B 129 4.45 -32.46 17.60
C GLU B 129 5.77 -32.95 18.19
N LEU B 130 5.79 -33.18 19.50
CA LEU B 130 6.98 -33.63 20.20
C LEU B 130 7.33 -35.09 19.92
N GLN B 131 6.32 -35.90 19.64
CA GLN B 131 6.51 -37.32 19.37
C GLN B 131 7.53 -37.59 18.25
N ALA B 132 7.21 -37.13 17.04
CA ALA B 132 8.11 -37.30 15.91
C ALA B 132 9.28 -36.37 16.16
N ASN B 133 9.21 -35.69 17.31
CA ASN B 133 10.21 -34.74 17.78
C ASN B 133 10.31 -33.51 16.89
N LYS B 134 9.29 -32.67 16.98
CA LYS B 134 9.25 -31.43 16.22
C LYS B 134 8.68 -30.38 17.17
N ALA B 135 9.05 -29.13 16.93
CA ALA B 135 8.58 -28.03 17.76
C ALA B 135 8.44 -26.79 16.90
N THR B 136 7.33 -26.07 17.05
CA THR B 136 7.13 -24.86 16.30
C THR B 136 6.25 -23.85 17.01
N LEU B 137 6.80 -22.64 17.13
CA LEU B 137 6.10 -21.51 17.74
C LEU B 137 5.40 -20.83 16.57
N VAL B 138 4.08 -20.78 16.60
CA VAL B 138 3.35 -20.16 15.52
C VAL B 138 2.84 -18.80 15.97
N CYS B 139 3.20 -17.76 15.23
CA CYS B 139 2.75 -16.43 15.57
C CYS B 139 1.58 -16.06 14.65
N LEU B 140 0.40 -15.92 15.23
CA LEU B 140 -0.79 -15.59 14.47
C LEU B 140 -1.02 -14.08 14.44
N ILE B 141 -1.21 -13.52 13.25
CA ILE B 141 -1.44 -12.10 13.10
C ILE B 141 -2.67 -11.93 12.20
N SER B 142 -3.69 -11.25 12.71
CA SER B 142 -4.90 -11.09 11.93
C SER B 142 -5.65 -9.80 12.20
N ASP B 143 -6.70 -9.58 11.41
CA ASP B 143 -7.54 -8.39 11.51
C ASP B 143 -6.76 -7.10 11.38
N PHE B 144 -5.71 -7.15 10.56
CA PHE B 144 -4.87 -6.00 10.33
C PHE B 144 -5.07 -5.43 8.91
N TYR B 145 -4.82 -4.13 8.80
CA TYR B 145 -4.96 -3.41 7.55
C TYR B 145 -4.01 -2.20 7.58
N PRO B 146 -3.22 -1.99 6.52
CA PRO B 146 -3.09 -2.73 5.26
C PRO B 146 -2.50 -4.14 5.38
N GLY B 147 -2.51 -4.86 4.27
CA GLY B 147 -1.98 -6.21 4.24
C GLY B 147 -0.47 -6.22 4.09
N ALA B 148 0.17 -5.26 4.75
CA ALA B 148 1.63 -5.14 4.70
C ALA B 148 2.24 -5.03 6.10
N VAL B 149 2.94 -6.07 6.52
CA VAL B 149 3.58 -6.09 7.83
C VAL B 149 4.84 -6.96 7.77
N THR B 150 5.80 -6.68 8.64
CA THR B 150 7.04 -7.46 8.69
C THR B 150 7.23 -7.98 10.11
N VAL B 151 7.42 -9.29 10.24
CA VAL B 151 7.60 -9.93 11.54
C VAL B 151 9.00 -10.43 11.81
N ALA B 152 9.40 -10.33 13.07
CA ALA B 152 10.71 -10.78 13.49
C ALA B 152 10.60 -11.52 14.80
N TRP B 153 11.65 -12.26 15.15
CA TRP B 153 11.67 -13.03 16.38
C TRP B 153 12.84 -12.69 17.29
N LYS B 154 12.58 -12.73 18.59
CA LYS B 154 13.58 -12.46 19.61
C LYS B 154 13.70 -13.74 20.44
N ALA B 155 14.73 -14.53 20.14
CA ALA B 155 14.97 -15.79 20.84
C ALA B 155 15.66 -15.59 22.18
N ASP B 156 14.87 -15.28 23.20
CA ASP B 156 15.39 -15.06 24.55
C ASP B 156 16.01 -13.68 24.66
N SER B 157 15.22 -12.66 24.35
CA SER B 157 15.67 -11.26 24.41
C SER B 157 16.76 -10.96 23.38
N SER B 158 17.34 -12.02 22.81
CA SER B 158 18.40 -11.87 21.80
C SER B 158 17.89 -12.40 20.46
N PRO B 159 18.00 -11.60 19.39
CA PRO B 159 17.55 -12.04 18.07
C PRO B 159 18.48 -13.06 17.43
N VAL B 160 18.70 -14.18 18.11
CA VAL B 160 19.58 -15.23 17.59
C VAL B 160 19.15 -15.62 16.17
N LYS B 161 20.15 -15.88 15.31
CA LYS B 161 19.90 -16.25 13.92
C LYS B 161 19.24 -17.62 13.83
N ALA B 162 18.10 -17.68 13.16
CA ALA B 162 17.36 -18.94 13.02
C ALA B 162 16.60 -18.99 11.69
N GLY B 163 15.62 -19.89 11.63
CA GLY B 163 14.82 -20.05 10.43
C GLY B 163 13.37 -19.64 10.61
N VAL B 164 13.05 -18.41 10.20
CA VAL B 164 11.71 -17.88 10.29
C VAL B 164 11.05 -17.97 8.91
N GLU B 165 9.82 -18.48 8.84
CA GLU B 165 9.11 -18.61 7.57
C GLU B 165 7.78 -17.89 7.57
N THR B 166 7.82 -16.60 7.24
CA THR B 166 6.63 -15.75 7.20
C THR B 166 5.77 -16.04 5.95
N THR B 167 4.61 -16.65 6.16
CA THR B 167 3.69 -17.00 5.08
C THR B 167 3.30 -15.90 4.09
N THR B 168 2.76 -16.33 2.95
CA THR B 168 2.29 -15.44 1.89
C THR B 168 0.95 -14.88 2.37
N PRO B 169 0.96 -13.65 2.92
CA PRO B 169 -0.26 -13.00 3.42
C PRO B 169 -1.52 -13.24 2.59
N SER B 170 -2.66 -13.26 3.28
CA SER B 170 -3.93 -13.51 2.64
C SER B 170 -4.97 -12.55 3.17
N LYS B 171 -6.04 -12.35 2.41
CA LYS B 171 -7.11 -11.47 2.82
C LYS B 171 -8.25 -12.32 3.36
N GLN B 172 -8.76 -11.94 4.54
CA GLN B 172 -9.84 -12.67 5.18
C GLN B 172 -11.18 -12.17 4.67
N SER B 173 -12.25 -12.73 5.22
CA SER B 173 -13.60 -12.33 4.83
C SER B 173 -13.85 -10.89 5.24
N ASN B 174 -13.39 -10.52 6.43
CA ASN B 174 -13.57 -9.17 6.97
C ASN B 174 -12.73 -8.10 6.30
N ASN B 175 -12.16 -8.43 5.14
CA ASN B 175 -11.33 -7.49 4.38
C ASN B 175 -9.93 -7.37 4.96
N LYS B 176 -9.84 -7.21 6.28
CA LYS B 176 -8.55 -7.10 6.95
C LYS B 176 -7.72 -8.34 6.62
N TYR B 177 -6.42 -8.15 6.43
CA TYR B 177 -5.54 -9.26 6.11
C TYR B 177 -5.17 -10.05 7.36
N ALA B 178 -4.45 -11.14 7.16
CA ALA B 178 -4.04 -11.97 8.27
C ALA B 178 -2.90 -12.88 7.83
N ALA B 179 -1.77 -12.75 8.51
CA ALA B 179 -0.60 -13.56 8.20
C ALA B 179 -0.13 -14.29 9.46
N SER B 180 1.01 -14.94 9.37
CA SER B 180 1.56 -15.67 10.51
C SER B 180 3.06 -15.83 10.34
N SER B 181 3.73 -16.24 11.42
CA SER B 181 5.18 -16.46 11.37
C SER B 181 5.53 -17.71 12.14
N TYR B 182 6.46 -18.49 11.58
CA TYR B 182 6.88 -19.75 12.19
C TYR B 182 8.39 -19.78 12.46
N LEU B 183 8.76 -20.29 13.61
CA LEU B 183 10.16 -20.41 13.99
C LEU B 183 10.35 -21.85 14.45
N SER B 184 10.60 -22.76 13.50
CA SER B 184 10.80 -24.17 13.84
C SER B 184 11.96 -24.24 14.83
N LEU B 185 11.99 -25.25 15.68
CA LEU B 185 13.06 -25.37 16.66
C LEU B 185 13.45 -26.82 16.92
N THR B 186 14.36 -27.01 17.88
CA THR B 186 14.83 -28.34 18.26
C THR B 186 14.55 -28.63 19.73
N PRO B 187 14.74 -29.88 20.16
CA PRO B 187 14.48 -30.21 21.56
C PRO B 187 15.21 -29.28 22.53
N GLU B 188 16.44 -29.68 22.87
CA GLU B 188 17.28 -28.92 23.79
C GLU B 188 17.44 -27.44 23.46
N GLN B 189 17.09 -27.06 22.23
CA GLN B 189 17.21 -25.66 21.81
C GLN B 189 16.05 -24.82 22.34
N TRP B 190 14.87 -25.43 22.43
CA TRP B 190 13.70 -24.71 22.93
C TRP B 190 13.70 -24.73 24.46
N LYS B 191 14.46 -25.67 25.01
CA LYS B 191 14.60 -25.82 26.46
C LYS B 191 15.66 -24.81 26.93
N SER B 192 16.68 -24.62 26.09
CA SER B 192 17.79 -23.71 26.38
C SER B 192 17.34 -22.26 26.51
N HIS B 193 16.96 -21.63 25.40
CA HIS B 193 16.53 -20.25 25.42
C HIS B 193 15.29 -20.06 26.30
N ARG B 194 15.51 -19.49 27.49
CA ARG B 194 14.49 -19.24 28.49
C ARG B 194 13.10 -18.76 28.02
N SER B 195 13.02 -18.05 26.90
CA SER B 195 11.74 -17.57 26.39
C SER B 195 11.80 -16.98 24.99
N TYR B 196 10.95 -17.47 24.10
CA TYR B 196 10.88 -16.99 22.72
C TYR B 196 9.81 -15.94 22.54
N SER B 197 9.93 -15.16 21.48
CA SER B 197 8.96 -14.10 21.24
C SER B 197 8.74 -13.73 19.78
N CYS B 198 7.62 -13.05 19.53
CA CYS B 198 7.24 -12.61 18.20
C CYS B 198 7.25 -11.08 18.15
N GLN B 199 7.48 -10.49 16.97
CA GLN B 199 7.51 -9.04 16.85
C GLN B 199 6.93 -8.49 15.54
N VAL B 200 5.65 -8.16 15.57
CA VAL B 200 4.93 -7.65 14.40
C VAL B 200 5.04 -6.13 14.23
N THR B 201 5.70 -5.70 13.17
CA THR B 201 5.88 -4.27 12.85
C THR B 201 4.84 -3.82 11.81
N HIS B 202 3.78 -3.17 12.29
CA HIS B 202 2.69 -2.71 11.42
C HIS B 202 2.68 -1.20 11.23
N GLU B 203 3.24 -0.76 10.12
CA GLU B 203 3.30 0.66 9.78
C GLU B 203 3.76 1.56 10.92
N GLY B 204 5.07 1.64 11.10
CA GLY B 204 5.64 2.46 12.16
C GLY B 204 5.12 2.11 13.53
N SER B 205 4.70 0.87 13.71
CA SER B 205 4.19 0.42 15.00
C SER B 205 4.76 -0.97 15.28
N THR B 206 4.91 -1.31 16.56
CA THR B 206 5.45 -2.61 16.92
C THR B 206 4.87 -3.16 18.21
N VAL B 207 4.31 -4.37 18.12
CA VAL B 207 3.73 -5.05 19.27
C VAL B 207 4.51 -6.34 19.46
N GLU B 208 4.76 -6.70 20.72
CA GLU B 208 5.50 -7.91 21.03
C GLU B 208 4.61 -8.93 21.74
N LYS B 209 5.06 -10.18 21.70
CA LYS B 209 4.36 -11.29 22.34
C LYS B 209 5.40 -12.34 22.68
N THR B 210 5.49 -12.69 23.96
CA THR B 210 6.45 -13.68 24.43
C THR B 210 5.76 -14.94 24.96
N VAL B 211 6.38 -16.09 24.70
CA VAL B 211 5.87 -17.38 25.13
C VAL B 211 7.03 -18.18 25.70
N ALA B 212 6.89 -18.60 26.96
CA ALA B 212 7.92 -19.35 27.66
C ALA B 212 7.69 -20.86 27.68
N PRO B 213 8.75 -21.64 27.38
CA PRO B 213 8.68 -23.11 27.36
C PRO B 213 8.26 -23.58 28.75
N THR B 214 7.40 -24.59 28.83
CA THR B 214 6.97 -25.04 30.14
C THR B 214 6.11 -26.30 30.20
N GLU B 215 5.63 -26.58 31.41
CA GLU B 215 4.78 -27.72 31.71
C GLU B 215 4.13 -27.38 33.06
N CYS B 216 3.44 -26.23 33.09
CA CYS B 216 2.79 -25.74 34.31
C CYS B 216 3.83 -25.42 35.38
N SER B 217 4.73 -24.51 35.06
CA SER B 217 5.78 -24.09 35.99
C SER B 217 5.42 -22.75 36.64
N PCA C 1 0.23 33.35 -10.96
CA PCA C 1 0.39 32.15 -10.09
CB PCA C 1 -0.16 30.93 -10.84
CG PCA C 1 -0.76 31.56 -12.13
CD PCA C 1 -0.03 32.92 -12.21
OE PCA C 1 0.31 33.52 -13.24
C PCA C 1 1.86 31.92 -9.73
O PCA C 1 2.29 30.78 -9.55
N SER C 2 2.61 33.01 -9.62
CA SER C 2 4.03 32.94 -9.25
C SER C 2 4.16 33.37 -7.78
N ALA C 3 4.52 32.41 -6.93
CA ALA C 3 4.66 32.60 -5.48
C ALA C 3 5.38 33.84 -4.94
N LEU C 4 5.35 33.93 -3.61
CA LEU C 4 5.98 35.00 -2.86
C LEU C 4 7.11 34.37 -2.06
N PRO C 5 8.35 34.70 -2.39
CA PRO C 5 9.50 34.14 -1.68
C PRO C 5 9.33 34.33 -0.20
N GLN C 6 9.58 33.26 0.54
CA GLN C 6 9.42 33.28 1.99
C GLN C 6 10.54 32.40 2.53
N PRO C 7 11.11 32.75 3.70
CA PRO C 7 12.17 31.87 4.19
C PRO C 7 11.64 30.47 4.57
N ALA C 8 12.44 29.43 4.32
CA ALA C 8 12.00 28.09 4.65
C ALA C 8 11.83 27.91 6.15
N SER C 9 12.93 27.99 6.90
CA SER C 9 12.85 27.83 8.34
C SER C 9 13.17 29.10 9.10
N VAL C 10 12.96 29.05 10.39
CA VAL C 10 13.23 30.17 11.26
C VAL C 10 13.05 29.60 12.67
N SER C 11 13.93 29.99 13.59
CA SER C 11 13.83 29.51 14.95
C SER C 11 13.90 30.67 15.91
N GLY C 12 13.34 30.48 17.10
CA GLY C 12 13.36 31.54 18.09
C GLY C 12 13.35 30.95 19.47
N SER C 13 13.98 31.62 20.41
CA SER C 13 14.04 31.15 21.78
C SER C 13 12.73 31.42 22.48
N PRO C 14 12.27 30.47 23.31
CA PRO C 14 10.99 30.64 24.03
C PRO C 14 10.85 32.02 24.67
N GLY C 15 9.69 32.62 24.49
CA GLY C 15 9.44 33.93 25.08
C GLY C 15 9.95 35.12 24.30
N GLN C 16 10.62 34.89 23.18
CA GLN C 16 11.13 36.00 22.39
C GLN C 16 10.35 36.12 21.09
N SER C 17 10.84 36.98 20.18
CA SER C 17 10.15 37.23 18.91
C SER C 17 10.88 36.84 17.64
N ILE C 18 10.10 36.75 16.56
CA ILE C 18 10.62 36.47 15.23
C ILE C 18 9.64 37.12 14.28
N THR C 19 10.13 37.49 13.11
CA THR C 19 9.28 38.12 12.12
C THR C 19 9.59 37.43 10.82
N ILE C 20 8.55 37.04 10.11
CA ILE C 20 8.73 36.39 8.84
C ILE C 20 8.28 37.40 7.83
N SER C 21 9.04 37.53 6.75
CA SER C 21 8.67 38.46 5.70
C SER C 21 8.15 37.67 4.52
N CYS C 22 7.47 38.38 3.64
CA CYS C 22 6.84 37.84 2.46
C CYS C 22 6.96 39.03 1.50
N THR C 23 7.54 38.82 0.34
CA THR C 23 7.70 39.94 -0.57
C THR C 23 7.21 39.72 -1.99
N GLY C 24 6.39 40.66 -2.45
CA GLY C 24 5.85 40.59 -3.79
C GLY C 24 6.06 41.88 -4.52
N THR C 25 5.20 42.15 -5.50
CA THR C 25 5.31 43.36 -6.30
C THR C 25 4.27 44.41 -5.97
N SER C 26 4.15 45.37 -6.88
CA SER C 26 3.21 46.47 -6.74
C SER C 26 1.84 46.04 -7.23
N SER C 27 1.74 44.79 -7.68
CA SER C 27 0.46 44.29 -8.15
C SER C 27 -0.17 43.35 -7.13
N ASP C 28 0.59 43.02 -6.09
CA ASP C 28 0.08 42.17 -5.02
C ASP C 28 0.23 42.91 -3.72
N VAL C 29 1.17 42.48 -2.91
CA VAL C 29 1.42 43.10 -1.61
C VAL C 29 1.42 44.62 -1.68
N GLY C 30 2.14 45.17 -2.66
CA GLY C 30 2.21 46.61 -2.82
C GLY C 30 1.17 47.14 -3.79
N GLY C 31 0.10 46.38 -3.96
CA GLY C 31 -0.96 46.80 -4.85
C GLY C 31 -2.23 46.96 -4.07
N TYR C 32 -2.33 46.24 -2.96
CA TYR C 32 -3.52 46.30 -2.11
C TYR C 32 -3.12 46.12 -0.65
N ASP C 33 -4.11 46.25 0.22
CA ASP C 33 -3.91 46.04 1.64
C ASP C 33 -4.67 44.77 1.94
N LEU C 34 -4.39 43.77 1.11
CA LEU C 34 -5.02 42.47 1.22
C LEU C 34 -4.00 41.35 1.38
N VAL C 35 -3.24 41.40 2.48
CA VAL C 35 -2.23 40.39 2.79
C VAL C 35 -2.76 39.52 3.93
N SER C 36 -2.74 38.21 3.77
CA SER C 36 -3.23 37.34 4.83
C SER C 36 -2.10 36.43 5.30
N TRP C 37 -2.20 36.00 6.54
CA TRP C 37 -1.21 35.09 7.10
C TRP C 37 -1.94 33.92 7.74
N TYR C 38 -1.49 32.71 7.43
CA TYR C 38 -2.14 31.53 7.96
C TYR C 38 -1.22 30.74 8.84
N GLN C 39 -1.79 30.19 9.90
CA GLN C 39 -1.02 29.33 10.78
C GLN C 39 -1.40 27.93 10.37
N HIS C 40 -0.43 27.03 10.29
CA HIS C 40 -0.76 25.68 9.90
C HIS C 40 0.11 24.61 10.54
N HIS C 41 -0.50 23.78 11.37
CA HIS C 41 0.19 22.66 11.98
C HIS C 41 -0.11 21.55 10.97
N PRO C 42 0.92 21.06 10.25
CA PRO C 42 0.75 20.02 9.25
C PRO C 42 -0.13 18.91 9.75
N GLY C 43 -1.06 18.49 8.91
CA GLY C 43 -1.98 17.45 9.30
C GLY C 43 -3.05 18.13 10.12
N GLY C 44 -3.68 19.14 9.54
CA GLY C 44 -4.71 19.87 10.25
C GLY C 44 -5.12 21.03 9.39
N ALA C 45 -6.26 21.64 9.68
CA ALA C 45 -6.73 22.75 8.87
C ALA C 45 -5.97 24.03 9.15
N PRO C 46 -5.71 24.80 8.11
CA PRO C 46 -4.99 26.06 8.24
C PRO C 46 -5.86 27.10 8.91
N LYS C 47 -5.26 27.88 9.80
CA LYS C 47 -6.00 28.93 10.51
C LYS C 47 -5.68 30.32 9.97
N LEU C 48 -6.67 31.18 9.89
CA LEU C 48 -6.40 32.51 9.44
C LEU C 48 -6.02 33.31 10.68
N ILE C 49 -4.84 33.92 10.71
CA ILE C 49 -4.43 34.70 11.88
C ILE C 49 -4.32 36.19 11.61
N ILE C 50 -4.09 36.54 10.35
CA ILE C 50 -3.96 37.94 9.94
C ILE C 50 -4.52 38.13 8.56
N TYR C 51 -5.37 39.15 8.39
CA TYR C 51 -5.95 39.45 7.09
C TYR C 51 -5.96 40.96 6.88
N GLU C 52 -6.07 41.41 5.64
CA GLU C 52 -6.07 42.85 5.36
C GLU C 52 -4.83 43.50 5.96
N VAL C 53 -3.69 42.85 5.74
CA VAL C 53 -2.39 43.32 6.21
C VAL C 53 -2.21 43.34 7.71
N THR C 54 -3.12 43.98 8.43
CA THR C 54 -2.95 44.08 9.88
C THR C 54 -4.14 43.69 10.70
N ASN C 55 -5.21 43.24 10.06
CA ASN C 55 -6.40 42.88 10.81
C ASN C 55 -6.15 41.53 11.47
N ARG C 56 -6.88 41.24 12.54
CA ARG C 56 -6.70 40.00 13.27
C ARG C 56 -8.03 39.39 13.72
N PRO C 57 -8.43 38.24 13.13
CA PRO C 57 -9.68 37.58 13.48
C PRO C 57 -9.85 37.46 14.98
N SER C 58 -11.10 37.42 15.44
CA SER C 58 -11.36 37.30 16.86
C SER C 58 -10.73 36.01 17.35
N GLY C 59 -10.49 35.90 18.64
CA GLY C 59 -9.90 34.68 19.14
C GLY C 59 -8.43 34.55 18.83
N VAL C 60 -7.87 35.50 18.10
CA VAL C 60 -6.45 35.47 17.78
C VAL C 60 -5.77 36.44 18.72
N SER C 61 -4.67 36.04 19.35
CA SER C 61 -3.99 36.91 20.31
C SER C 61 -3.11 38.01 19.75
N ASP C 62 -2.81 38.95 20.64
CA ASP C 62 -1.97 40.11 20.38
C ASP C 62 -0.52 39.70 20.11
N ARG C 63 -0.20 38.42 20.28
CA ARG C 63 1.15 37.93 20.04
C ARG C 63 1.42 37.81 18.55
N PHE C 64 0.39 37.92 17.73
CA PHE C 64 0.56 37.82 16.28
C PHE C 64 0.20 39.14 15.63
N SER C 65 1.05 39.64 14.74
CA SER C 65 0.71 40.89 14.06
C SER C 65 1.32 41.05 12.70
N GLY C 66 0.54 41.62 11.79
CA GLY C 66 1.01 41.85 10.44
C GLY C 66 1.29 43.30 10.11
N SER C 67 2.07 43.52 9.07
CA SER C 67 2.40 44.87 8.64
C SER C 67 3.06 44.71 7.31
N LYS C 68 3.30 45.86 6.67
CA LYS C 68 3.97 45.88 5.38
C LYS C 68 4.37 47.32 5.07
N SER C 69 5.16 47.47 4.01
CA SER C 69 5.60 48.77 3.55
C SER C 69 6.28 48.40 2.27
N GLY C 70 5.93 49.10 1.20
CA GLY C 70 6.52 48.78 -0.08
C GLY C 70 5.85 47.50 -0.58
N ASN C 71 6.66 46.56 -1.03
CA ASN C 71 6.12 45.32 -1.55
C ASN C 71 6.43 44.16 -0.60
N THR C 72 6.96 44.51 0.56
CA THR C 72 7.30 43.49 1.55
C THR C 72 6.37 43.51 2.77
N ALA C 73 5.78 42.36 3.06
CA ALA C 73 4.91 42.24 4.22
C ALA C 73 5.59 41.37 5.28
N SER C 74 5.27 41.59 6.55
CA SER C 74 5.89 40.80 7.60
C SER C 74 4.96 40.40 8.72
N LEU C 75 5.02 39.11 9.10
CA LEU C 75 4.22 38.61 10.20
C LEU C 75 5.14 38.64 11.40
N THR C 76 4.60 38.97 12.57
CA THR C 76 5.43 39.01 13.75
C THR C 76 4.79 38.22 14.88
N ILE C 77 5.63 37.48 15.59
CA ILE C 77 5.18 36.67 16.70
C ILE C 77 6.07 36.92 17.90
N SER C 78 5.47 37.41 18.99
CA SER C 78 6.20 37.69 20.20
C SER C 78 5.74 36.76 21.30
N GLY C 79 6.47 36.72 22.42
CA GLY C 79 6.06 35.85 23.51
C GLY C 79 5.96 34.42 23.04
N LEU C 80 6.93 34.04 22.20
CA LEU C 80 7.02 32.71 21.59
C LEU C 80 6.83 31.55 22.52
N GLN C 81 5.74 30.83 22.28
CA GLN C 81 5.35 29.64 23.03
C GLN C 81 5.81 28.45 22.20
N ALA C 82 5.78 27.26 22.77
CA ALA C 82 6.18 26.08 22.02
C ALA C 82 5.09 25.70 21.05
N GLU C 83 3.84 25.89 21.45
CA GLU C 83 2.70 25.55 20.60
C GLU C 83 2.73 26.35 19.30
N ASP C 84 3.38 27.51 19.33
CA ASP C 84 3.46 28.38 18.15
C ASP C 84 4.16 27.70 17.00
N GLU C 85 4.92 26.65 17.33
CA GLU C 85 5.66 25.86 16.35
C GLU C 85 4.69 25.32 15.31
N ALA C 86 4.82 25.80 14.08
CA ALA C 86 3.94 25.42 12.99
C ALA C 86 4.46 25.97 11.67
N ASP C 87 3.60 25.99 10.66
CA ASP C 87 3.97 26.51 9.35
C ASP C 87 3.17 27.77 9.12
N TYR C 88 3.85 28.86 8.77
CA TYR C 88 3.17 30.13 8.54
C TYR C 88 3.27 30.50 7.09
N TYR C 89 2.12 30.81 6.48
CA TYR C 89 2.08 31.19 5.09
C TYR C 89 1.55 32.60 4.97
N CYS C 90 1.71 33.17 3.78
CA CYS C 90 1.22 34.51 3.54
C CYS C 90 0.64 34.51 2.17
N SER C 91 -0.30 35.42 1.93
CA SER C 91 -0.92 35.53 0.64
C SER C 91 -1.24 37.02 0.44
N SER C 92 -1.58 37.37 -0.79
CA SER C 92 -1.93 38.75 -1.12
C SER C 92 -2.90 38.68 -2.26
N TYR C 93 -3.55 39.80 -2.55
CA TYR C 93 -4.47 39.85 -3.67
C TYR C 93 -3.60 40.07 -4.89
N ALA C 94 -4.14 39.75 -6.06
CA ALA C 94 -3.42 39.90 -7.31
C ALA C 94 -4.29 40.61 -8.34
N SER C 95 -3.68 41.04 -9.43
CA SER C 95 -4.40 41.74 -10.47
C SER C 95 -4.53 40.84 -11.69
N GLY C 96 -3.80 39.73 -11.69
CA GLY C 96 -3.82 38.83 -12.82
C GLY C 96 -4.97 37.85 -12.88
N SER C 97 -4.71 36.69 -13.47
CA SER C 97 -5.73 35.64 -13.58
C SER C 97 -6.16 35.31 -12.17
N THR C 98 -5.25 34.68 -11.43
CA THR C 98 -5.49 34.31 -10.05
C THR C 98 -5.58 35.55 -9.18
N PRO C 99 -6.66 35.66 -8.39
CA PRO C 99 -6.91 36.77 -7.48
C PRO C 99 -6.02 36.75 -6.25
N ARG C 100 -5.49 35.58 -5.89
CA ARG C 100 -4.65 35.51 -4.71
C ARG C 100 -3.42 34.59 -4.83
N ILE C 101 -2.25 35.11 -4.45
CA ILE C 101 -1.00 34.37 -4.49
C ILE C 101 -0.57 34.00 -3.07
N PHE C 102 0.28 32.98 -2.94
CA PHE C 102 0.76 32.53 -1.64
C PHE C 102 2.27 32.42 -1.57
N GLY C 103 2.82 32.42 -0.36
CA GLY C 103 4.24 32.27 -0.17
C GLY C 103 4.47 30.77 -0.05
N GLY C 104 5.72 30.33 -0.11
CA GLY C 104 5.96 28.90 0.00
C GLY C 104 5.93 28.40 1.43
N GLY C 105 5.53 29.26 2.35
CA GLY C 105 5.47 28.88 3.75
C GLY C 105 6.80 28.92 4.48
N THR C 106 6.72 28.93 5.81
CA THR C 106 7.89 28.97 6.67
C THR C 106 7.68 28.12 7.89
N ARG C 107 8.55 27.15 8.14
CA ARG C 107 8.39 26.33 9.33
C ARG C 107 9.05 26.99 10.54
N LEU C 108 8.29 27.21 11.59
CA LEU C 108 8.84 27.85 12.78
C LEU C 108 9.34 26.81 13.76
N THR C 109 10.44 27.09 14.44
CA THR C 109 10.95 26.15 15.45
C THR C 109 11.29 26.95 16.71
N VAL C 110 10.59 26.65 17.80
CA VAL C 110 10.83 27.33 19.05
C VAL C 110 11.86 26.51 19.81
N LEU C 111 13.12 26.92 19.72
CA LEU C 111 14.25 26.22 20.34
C LEU C 111 13.95 25.61 21.71
N GLY C 112 14.04 24.28 21.77
CA GLY C 112 13.77 23.59 23.02
C GLY C 112 15.03 23.12 23.71
N GLN C 113 16.03 22.79 22.92
CA GLN C 113 17.31 22.33 23.42
C GLN C 113 18.37 23.15 22.70
N PRO C 114 19.62 23.17 23.19
CA PRO C 114 20.62 23.96 22.46
C PRO C 114 20.70 23.51 21.02
N LYS C 115 21.03 24.44 20.13
CA LYS C 115 21.14 24.10 18.72
C LYS C 115 22.13 22.96 18.53
N ALA C 116 22.13 22.37 17.35
CA ALA C 116 23.03 21.27 17.07
C ALA C 116 23.34 21.23 15.58
N ALA C 117 24.58 21.54 15.23
CA ALA C 117 24.97 21.54 13.81
C ALA C 117 25.17 20.15 13.22
N PRO C 118 24.98 20.02 11.89
CA PRO C 118 25.12 18.76 11.17
C PRO C 118 26.43 18.04 11.41
N SER C 119 26.46 16.79 10.99
CA SER C 119 27.60 15.91 11.05
C SER C 119 27.51 15.31 9.67
N VAL C 120 28.21 15.93 8.73
CA VAL C 120 28.17 15.47 7.34
C VAL C 120 29.30 14.53 6.93
N THR C 121 28.94 13.52 6.17
CA THR C 121 29.89 12.55 5.66
C THR C 121 29.45 12.18 4.26
N LEU C 122 30.33 12.37 3.29
CA LEU C 122 30.02 12.06 1.90
C LEU C 122 30.54 10.69 1.51
N PHE C 123 29.87 10.06 0.55
CA PHE C 123 30.27 8.73 0.08
C PHE C 123 30.27 8.67 -1.45
N PRO C 124 31.39 8.25 -2.05
CA PRO C 124 31.51 8.14 -3.51
C PRO C 124 30.76 6.91 -3.99
N PRO C 125 30.69 6.69 -5.32
CA PRO C 125 29.96 5.50 -5.80
C PRO C 125 30.69 4.21 -5.41
N SER C 126 29.93 3.23 -4.93
CA SER C 126 30.50 1.94 -4.52
C SER C 126 31.16 1.22 -5.69
N SER C 127 32.24 0.49 -5.40
CA SER C 127 32.98 -0.26 -6.43
C SER C 127 32.10 -1.32 -7.07
N GLU C 128 31.56 -2.21 -6.23
CA GLU C 128 30.68 -3.29 -6.69
C GLU C 128 29.49 -2.69 -7.45
N GLU C 129 28.89 -1.65 -6.90
CA GLU C 129 27.76 -0.98 -7.52
C GLU C 129 28.25 -0.18 -8.73
N LEU C 130 29.52 0.19 -8.70
CA LEU C 130 30.12 0.96 -9.78
C LEU C 130 30.21 0.16 -11.07
N GLN C 131 30.65 -1.08 -10.97
CA GLN C 131 30.77 -1.93 -12.15
C GLN C 131 29.40 -2.03 -12.81
N ALA C 132 28.34 -1.87 -12.01
CA ALA C 132 26.98 -1.93 -12.51
C ALA C 132 26.73 -0.76 -13.46
N ASN C 133 27.81 -0.08 -13.85
CA ASN C 133 27.76 1.06 -14.75
C ASN C 133 26.79 2.14 -14.25
N LYS C 134 26.75 2.31 -12.93
CA LYS C 134 25.88 3.31 -12.34
C LYS C 134 26.45 3.85 -11.04
N ALA C 135 27.01 5.05 -11.11
CA ALA C 135 27.60 5.71 -9.95
C ALA C 135 26.55 6.55 -9.23
N THR C 136 26.80 6.84 -7.97
CA THR C 136 25.88 7.63 -7.16
C THR C 136 26.54 7.90 -5.81
N LEU C 137 26.34 9.08 -5.28
CA LEU C 137 26.94 9.42 -3.99
C LEU C 137 25.89 9.79 -2.97
N VAL C 138 26.26 9.65 -1.70
CA VAL C 138 25.35 9.96 -0.61
C VAL C 138 25.96 10.88 0.44
N CYS C 139 25.17 11.88 0.84
CA CYS C 139 25.65 12.82 1.84
C CYS C 139 24.85 12.54 3.10
N LEU C 140 25.53 12.05 4.12
CA LEU C 140 24.88 11.74 5.38
C LEU C 140 24.95 12.93 6.34
N ILE C 141 23.80 13.54 6.56
CA ILE C 141 23.69 14.68 7.46
C ILE C 141 23.01 14.15 8.70
N SER C 142 23.59 14.41 9.87
CA SER C 142 22.98 13.90 11.08
C SER C 142 23.31 14.70 12.32
N ASP C 143 22.48 14.54 13.34
CA ASP C 143 22.69 15.20 14.61
C ASP C 143 22.45 16.71 14.61
N PHE C 144 21.51 17.17 13.79
CA PHE C 144 21.20 18.59 13.74
C PHE C 144 19.83 18.94 14.31
N TYR C 145 19.72 20.17 14.79
CA TYR C 145 18.50 20.72 15.39
C TYR C 145 18.68 22.23 15.45
N PRO C 146 17.67 23.00 15.01
CA PRO C 146 16.39 22.59 14.44
C PRO C 146 16.53 21.54 13.36
N GLY C 147 15.43 20.86 13.09
CA GLY C 147 15.44 19.81 12.09
C GLY C 147 15.30 20.34 10.69
N ALA C 148 16.04 21.39 10.36
CA ALA C 148 15.95 21.96 9.03
C ALA C 148 17.30 22.28 8.37
N VAL C 149 17.51 21.72 7.19
CA VAL C 149 18.76 21.95 6.45
C VAL C 149 18.48 21.95 4.97
N THR C 150 19.37 22.59 4.22
CA THR C 150 19.25 22.67 2.77
C THR C 150 20.53 22.04 2.25
N VAL C 151 20.41 21.20 1.24
CA VAL C 151 21.57 20.51 0.67
C VAL C 151 21.77 20.81 -0.81
N ALA C 152 22.98 21.22 -1.18
CA ALA C 152 23.29 21.53 -2.56
C ALA C 152 24.53 20.75 -2.99
N TRP C 153 24.55 20.34 -4.25
CA TRP C 153 25.67 19.58 -4.78
C TRP C 153 26.46 20.40 -5.77
N LYS C 154 27.75 20.11 -5.89
CA LYS C 154 28.60 20.85 -6.83
C LYS C 154 29.64 19.98 -7.51
N ALA C 155 29.87 20.25 -8.80
CA ALA C 155 30.85 19.51 -9.60
C ALA C 155 31.91 20.44 -10.18
N ASP C 156 33.02 20.61 -9.45
CA ASP C 156 34.12 21.48 -9.88
C ASP C 156 33.67 22.94 -9.97
N SER C 157 32.92 23.38 -8.96
CA SER C 157 32.39 24.75 -8.93
C SER C 157 31.39 24.86 -10.06
N SER C 158 30.39 23.98 -10.05
CA SER C 158 29.36 23.99 -11.08
C SER C 158 27.99 23.58 -10.54
N PRO C 159 26.93 24.17 -11.10
CA PRO C 159 25.55 23.89 -10.69
C PRO C 159 25.09 22.48 -10.96
N VAL C 160 25.07 21.66 -9.92
CA VAL C 160 24.61 20.29 -10.07
C VAL C 160 23.12 20.42 -10.33
N LYS C 161 22.74 20.23 -11.60
CA LYS C 161 21.36 20.37 -12.05
C LYS C 161 20.37 19.32 -11.54
N ALA C 162 19.68 18.66 -12.47
CA ALA C 162 18.68 17.64 -12.12
C ALA C 162 19.35 16.42 -11.47
N GLY C 163 18.53 15.38 -11.24
CA GLY C 163 19.04 14.17 -10.63
C GLY C 163 19.60 14.40 -9.24
N VAL C 164 18.83 15.08 -8.40
CA VAL C 164 19.27 15.35 -7.04
C VAL C 164 18.09 15.19 -6.10
N GLU C 165 18.15 14.16 -5.26
CA GLU C 165 17.09 13.88 -4.30
C GLU C 165 17.57 14.02 -2.85
N THR C 166 16.68 14.49 -1.99
CA THR C 166 16.99 14.68 -0.58
C THR C 166 15.82 14.27 0.31
N THR C 167 16.12 13.52 1.37
CA THR C 167 15.09 13.05 2.28
C THR C 167 14.70 14.13 3.28
N THR C 168 13.50 14.05 3.82
CA THR C 168 13.03 15.01 4.82
C THR C 168 13.68 14.67 6.16
N PRO C 169 14.09 15.70 6.92
CA PRO C 169 14.73 15.48 8.23
C PRO C 169 13.86 14.66 9.18
N SER C 170 14.23 13.42 9.42
CA SER C 170 13.48 12.57 10.31
C SER C 170 14.11 12.55 11.69
N LYS C 171 13.42 13.13 12.67
CA LYS C 171 13.89 13.16 14.04
C LYS C 171 14.44 11.77 14.37
N GLN C 172 15.37 11.68 15.30
CA GLN C 172 15.94 10.37 15.63
C GLN C 172 15.94 10.05 17.12
N SER C 173 16.27 8.80 17.43
CA SER C 173 16.31 8.29 18.80
C SER C 173 16.85 9.31 19.79
N ASN C 174 17.97 9.94 19.44
CA ASN C 174 18.59 10.94 20.31
C ASN C 174 17.80 12.25 20.30
N ASN C 175 16.75 12.27 19.50
CA ASN C 175 15.89 13.44 19.34
C ASN C 175 16.62 14.59 18.66
N LYS C 176 17.26 14.27 17.54
CA LYS C 176 17.97 15.22 16.71
C LYS C 176 17.74 14.67 15.32
N TYR C 177 17.46 15.54 14.38
CA TYR C 177 17.18 15.11 13.02
C TYR C 177 18.37 14.57 12.23
N ALA C 178 18.07 13.70 11.27
CA ALA C 178 19.09 13.10 10.42
C ALA C 178 18.50 13.07 9.03
N ALA C 179 19.32 13.24 8.01
CA ALA C 179 18.79 13.22 6.67
C ALA C 179 19.87 12.81 5.70
N SER C 180 19.48 12.50 4.48
CA SER C 180 20.43 12.07 3.47
C SER C 180 20.07 12.61 2.11
N SER C 181 21.11 12.87 1.31
CA SER C 181 20.92 13.37 -0.04
C SER C 181 21.78 12.51 -0.96
N TYR C 182 21.27 12.31 -2.17
CA TYR C 182 22.00 11.51 -3.13
C TYR C 182 21.83 12.09 -4.53
N LEU C 183 22.90 12.02 -5.29
CA LEU C 183 22.93 12.54 -6.64
C LEU C 183 22.90 11.39 -7.65
N SER C 184 21.84 11.32 -8.44
CA SER C 184 21.66 10.27 -9.46
C SER C 184 22.72 10.32 -10.56
N LEU C 185 23.96 10.59 -10.16
CA LEU C 185 25.08 10.68 -11.07
C LEU C 185 25.20 9.47 -11.99
N THR C 186 25.80 9.67 -13.16
CA THR C 186 26.01 8.59 -14.12
C THR C 186 27.52 8.34 -14.24
N PRO C 187 27.91 7.17 -14.75
CA PRO C 187 29.33 6.84 -14.90
C PRO C 187 30.16 7.85 -15.70
N GLU C 188 29.87 7.99 -16.98
CA GLU C 188 30.59 8.92 -17.86
C GLU C 188 30.92 10.25 -17.19
N GLN C 189 29.98 10.76 -16.41
CA GLN C 189 30.13 12.04 -15.71
C GLN C 189 31.16 11.96 -14.58
N TRP C 190 31.05 10.91 -13.77
CA TRP C 190 31.96 10.70 -12.64
C TRP C 190 33.43 10.89 -13.04
N LYS C 191 33.92 10.01 -13.91
CA LYS C 191 35.31 10.10 -14.37
C LYS C 191 35.39 11.12 -15.50
N SER C 192 34.68 12.23 -15.33
CA SER C 192 34.67 13.28 -16.33
C SER C 192 34.78 14.65 -15.67
N HIS C 193 34.75 14.65 -14.34
CA HIS C 193 34.85 15.89 -13.57
C HIS C 193 35.73 15.70 -12.34
N ARG C 194 36.79 16.48 -12.28
CA ARG C 194 37.78 16.45 -11.21
C ARG C 194 37.28 16.00 -9.83
N SER C 195 36.08 16.42 -9.46
CA SER C 195 35.49 16.04 -8.18
C SER C 195 34.15 16.72 -7.95
N TYR C 196 33.28 16.04 -7.21
CA TYR C 196 31.98 16.58 -6.88
C TYR C 196 31.97 16.90 -5.41
N SER C 197 31.02 17.71 -4.96
CA SER C 197 30.96 18.06 -3.56
C SER C 197 29.54 18.30 -3.07
N CYS C 198 29.34 18.04 -1.78
CA CYS C 198 28.04 18.19 -1.14
C CYS C 198 28.06 19.39 -0.19
N GLN C 199 27.09 20.29 -0.36
CA GLN C 199 27.00 21.48 0.48
C GLN C 199 25.74 21.46 1.37
N VAL C 200 25.97 21.45 2.68
CA VAL C 200 24.91 21.40 3.67
C VAL C 200 24.81 22.68 4.47
N THR C 201 23.62 23.29 4.45
CA THR C 201 23.42 24.54 5.16
C THR C 201 22.47 24.36 6.33
N HIS C 202 22.93 24.68 7.53
CA HIS C 202 22.09 24.56 8.71
C HIS C 202 22.18 25.82 9.55
N GLU C 203 21.10 26.60 9.54
CA GLU C 203 20.99 27.86 10.28
C GLU C 203 21.97 28.92 9.82
N GLY C 204 22.19 28.98 8.51
CA GLY C 204 23.10 29.98 7.98
C GLY C 204 24.52 29.48 7.80
N SER C 205 24.89 28.45 8.56
CA SER C 205 26.24 27.88 8.46
C SER C 205 26.29 26.76 7.44
N THR C 206 27.12 26.92 6.42
CA THR C 206 27.26 25.92 5.38
C THR C 206 28.59 25.17 5.46
N VAL C 207 28.54 23.89 5.10
CA VAL C 207 29.72 23.02 5.11
C VAL C 207 29.66 22.17 3.86
N GLU C 208 30.81 21.76 3.38
CA GLU C 208 30.87 20.95 2.20
C GLU C 208 31.82 19.81 2.46
N LYS C 209 31.66 18.75 1.67
CA LYS C 209 32.52 17.59 1.73
C LYS C 209 32.73 17.21 0.27
N THR C 210 33.97 16.87 -0.08
CA THR C 210 34.27 16.53 -1.47
C THR C 210 34.77 15.10 -1.65
N VAL C 211 34.64 14.63 -2.89
CA VAL C 211 35.05 13.28 -3.26
C VAL C 211 35.58 13.28 -4.70
N ALA C 212 36.62 12.49 -4.94
CA ALA C 212 37.22 12.38 -6.26
C ALA C 212 37.09 10.97 -6.80
N PRO C 213 37.06 10.82 -8.14
CA PRO C 213 36.92 9.53 -8.85
C PRO C 213 38.15 8.62 -8.75
N THR C 214 38.96 8.79 -7.70
CA THR C 214 40.16 7.97 -7.52
C THR C 214 39.91 6.71 -6.66
N GLU C 215 39.34 5.69 -7.28
CA GLU C 215 39.04 4.43 -6.58
C GLU C 215 40.32 3.62 -6.33
N CYS C 216 40.92 3.13 -7.41
CA CYS C 216 42.15 2.36 -7.33
C CYS C 216 43.34 3.31 -7.16
N SER C 217 43.16 4.54 -7.63
CA SER C 217 44.20 5.56 -7.53
C SER C 217 44.47 5.84 -6.05
N PCA D 1 -12.27 27.28 14.75
CA PCA D 1 -12.44 26.08 15.61
CB PCA D 1 -12.93 26.55 16.99
CG PCA D 1 -12.87 28.10 16.86
CD PCA D 1 -12.10 28.34 15.55
OE PCA D 1 -11.40 29.31 15.26
C PCA D 1 -13.49 25.15 14.98
O PCA D 1 -13.66 24.01 15.41
N SER D 2 -14.17 25.67 13.97
CA SER D 2 -15.20 24.91 13.26
C SER D 2 -14.69 24.49 11.88
N ALA D 3 -13.75 23.55 11.87
CA ALA D 3 -13.17 23.06 10.62
C ALA D 3 -14.25 22.53 9.70
N LEU D 4 -13.96 22.51 8.40
CA LEU D 4 -14.88 22.00 7.41
C LEU D 4 -14.36 20.60 7.09
N PRO D 5 -15.00 19.57 7.66
CA PRO D 5 -14.62 18.17 7.46
C PRO D 5 -14.39 17.73 6.01
N GLN D 6 -13.19 17.21 5.76
CA GLN D 6 -12.85 16.72 4.43
C GLN D 6 -12.35 15.30 4.66
N PRO D 7 -12.38 14.49 3.61
CA PRO D 7 -11.88 13.13 3.83
C PRO D 7 -10.36 13.21 4.04
N ALA D 8 -9.84 12.48 5.01
CA ALA D 8 -8.39 12.51 5.26
C ALA D 8 -7.60 12.24 3.99
N SER D 9 -8.01 11.26 3.18
CA SER D 9 -7.27 11.02 1.96
C SER D 9 -8.00 10.28 0.85
N VAL D 10 -7.47 10.43 -0.36
CA VAL D 10 -8.04 9.83 -1.55
C VAL D 10 -6.92 9.39 -2.48
N SER D 11 -7.00 8.14 -2.94
CA SER D 11 -6.00 7.62 -3.86
C SER D 11 -6.74 7.22 -5.12
N GLY D 12 -6.09 7.33 -6.27
CA GLY D 12 -6.76 6.97 -7.51
C GLY D 12 -5.78 6.58 -8.60
N SER D 13 -6.27 5.90 -9.63
CA SER D 13 -5.41 5.47 -10.73
C SER D 13 -5.49 6.50 -11.84
N PRO D 14 -4.35 6.77 -12.51
CA PRO D 14 -4.31 7.74 -13.60
C PRO D 14 -5.56 7.69 -14.47
N GLY D 15 -5.87 8.80 -15.11
CA GLY D 15 -7.06 8.84 -15.94
C GLY D 15 -8.34 8.95 -15.14
N GLN D 16 -8.48 8.17 -14.09
CA GLN D 16 -9.69 8.22 -13.26
C GLN D 16 -10.07 9.64 -12.82
N SER D 17 -11.26 9.76 -12.24
CA SER D 17 -11.77 11.04 -11.78
C SER D 17 -12.22 11.06 -10.30
N ILE D 18 -11.44 11.72 -9.46
CA ILE D 18 -11.77 11.80 -8.05
C ILE D 18 -12.60 13.03 -7.69
N THR D 19 -13.26 12.94 -6.54
CA THR D 19 -14.09 14.00 -6.02
C THR D 19 -13.90 14.18 -4.53
N ILE D 20 -13.47 15.36 -4.10
CA ILE D 20 -13.27 15.62 -2.68
C ILE D 20 -14.40 16.54 -2.20
N SER D 21 -14.91 16.25 -1.01
CA SER D 21 -16.00 17.04 -0.45
C SER D 21 -15.52 17.95 0.66
N CYS D 22 -16.30 18.99 0.93
CA CYS D 22 -16.01 19.99 1.94
C CYS D 22 -17.33 20.12 2.67
N THR D 23 -17.44 19.52 3.85
CA THR D 23 -18.69 19.55 4.59
C THR D 23 -18.95 20.79 5.44
N GLY D 24 -19.66 21.75 4.86
CA GLY D 24 -19.96 22.97 5.59
C GLY D 24 -21.36 22.95 6.12
N THR D 25 -21.98 24.13 6.24
CA THR D 25 -23.34 24.23 6.73
C THR D 25 -24.01 25.46 6.15
N SER D 26 -25.22 25.73 6.62
CA SER D 26 -26.01 26.86 6.16
C SER D 26 -25.26 28.19 6.29
N SER D 27 -24.37 28.27 7.29
CA SER D 27 -23.62 29.49 7.54
C SER D 27 -22.27 29.52 6.87
N ASP D 28 -21.94 28.44 6.17
CA ASP D 28 -20.66 28.34 5.47
C ASP D 28 -20.94 28.22 3.98
N VAL D 29 -20.61 27.03 3.48
CA VAL D 29 -20.79 26.68 2.09
C VAL D 29 -22.22 26.90 1.66
N GLY D 30 -23.15 26.54 2.53
CA GLY D 30 -24.56 26.70 2.22
C GLY D 30 -25.04 28.14 2.33
N GLY D 31 -24.28 29.00 3.00
CA GLY D 31 -24.71 30.37 3.15
C GLY D 31 -24.22 31.37 2.14
N TYR D 32 -23.16 31.06 1.42
CA TYR D 32 -22.62 32.00 0.43
C TYR D 32 -21.92 31.28 -0.71
N ASP D 33 -21.86 31.92 -1.87
CA ASP D 33 -21.19 31.31 -2.99
C ASP D 33 -19.73 31.77 -2.95
N LEU D 34 -19.12 31.63 -1.77
CA LEU D 34 -17.74 32.05 -1.57
C LEU D 34 -16.79 30.93 -1.15
N VAL D 35 -16.86 29.81 -1.86
CA VAL D 35 -16.00 28.67 -1.59
C VAL D 35 -14.83 28.68 -2.57
N SER D 36 -13.68 28.22 -2.09
CA SER D 36 -12.50 28.17 -2.93
C SER D 36 -11.65 26.96 -2.58
N TRP D 37 -10.84 26.50 -3.53
CA TRP D 37 -9.97 25.35 -3.28
C TRP D 37 -8.50 25.65 -3.51
N TYR D 38 -7.65 24.99 -2.75
CA TYR D 38 -6.22 25.20 -2.85
C TYR D 38 -5.56 23.85 -3.08
N GLN D 39 -4.49 23.88 -3.86
CA GLN D 39 -3.70 22.69 -4.14
C GLN D 39 -2.38 22.99 -3.46
N HIS D 40 -1.82 22.01 -2.76
CA HIS D 40 -0.57 22.25 -2.08
C HIS D 40 0.40 21.09 -2.16
N HIS D 41 1.47 21.27 -2.91
CA HIS D 41 2.49 20.23 -3.00
C HIS D 41 3.33 20.57 -1.78
N PRO D 42 3.22 19.75 -0.72
CA PRO D 42 3.98 19.97 0.51
C PRO D 42 5.32 20.62 0.28
N GLY D 43 5.60 21.65 1.07
CA GLY D 43 6.87 22.34 0.93
C GLY D 43 6.88 23.38 -0.17
N GLY D 44 5.74 23.56 -0.83
CA GLY D 44 5.66 24.56 -1.88
C GLY D 44 4.59 25.57 -1.55
N ALA D 45 4.38 26.54 -2.42
CA ALA D 45 3.35 27.54 -2.18
C ALA D 45 1.99 27.01 -2.58
N PRO D 46 0.99 27.19 -1.71
CA PRO D 46 -0.37 26.72 -2.01
C PRO D 46 -0.80 27.41 -3.28
N LYS D 47 -1.69 26.80 -4.05
CA LYS D 47 -2.15 27.44 -5.28
C LYS D 47 -3.65 27.46 -5.29
N LEU D 48 -4.23 28.61 -5.65
CA LEU D 48 -5.68 28.75 -5.71
C LEU D 48 -6.19 28.21 -7.06
N ILE D 49 -7.00 27.16 -7.02
CA ILE D 49 -7.50 26.58 -8.24
C ILE D 49 -8.98 26.82 -8.48
N ILE D 50 -9.73 27.13 -7.43
CA ILE D 50 -11.16 27.43 -7.56
C ILE D 50 -11.60 28.49 -6.55
N TYR D 51 -12.49 29.38 -6.97
CA TYR D 51 -13.00 30.40 -6.06
C TYR D 51 -14.40 30.78 -6.47
N GLU D 52 -15.20 31.26 -5.51
CA GLU D 52 -16.57 31.62 -5.83
C GLU D 52 -17.24 30.35 -6.29
N VAL D 53 -17.09 29.31 -5.48
CA VAL D 53 -17.65 27.98 -5.72
C VAL D 53 -17.31 27.29 -7.02
N THR D 54 -17.09 28.05 -8.09
CA THR D 54 -16.83 27.38 -9.37
C THR D 54 -15.86 28.08 -10.33
N ASN D 55 -15.27 29.20 -9.94
CA ASN D 55 -14.35 29.88 -10.84
C ASN D 55 -13.00 29.20 -10.84
N ARG D 56 -12.33 29.28 -11.98
CA ARG D 56 -11.02 28.67 -12.14
C ARG D 56 -10.09 29.67 -12.81
N PRO D 57 -9.04 30.10 -12.11
CA PRO D 57 -8.17 31.07 -12.80
C PRO D 57 -7.59 30.46 -14.09
N SER D 58 -7.15 31.34 -15.00
CA SER D 58 -6.54 30.89 -16.25
C SER D 58 -5.25 30.24 -15.81
N GLY D 59 -4.94 29.09 -16.39
CA GLY D 59 -3.72 28.41 -15.99
C GLY D 59 -4.09 27.15 -15.24
N VAL D 60 -5.06 27.26 -14.34
CA VAL D 60 -5.52 26.08 -13.60
C VAL D 60 -6.15 25.16 -14.63
N SER D 61 -5.59 23.96 -14.78
CA SER D 61 -6.09 23.00 -15.74
C SER D 61 -7.58 22.72 -15.65
N ASP D 62 -8.26 22.93 -16.78
CA ASP D 62 -9.70 22.72 -16.89
C ASP D 62 -10.17 21.39 -16.32
N ARG D 63 -9.24 20.50 -16.01
CA ARG D 63 -9.58 19.19 -15.45
C ARG D 63 -10.16 19.40 -14.07
N PHE D 64 -9.71 20.48 -13.43
CA PHE D 64 -10.18 20.82 -12.10
C PHE D 64 -11.43 21.65 -12.27
N SER D 65 -12.44 21.33 -11.48
CA SER D 65 -13.69 22.04 -11.54
C SER D 65 -14.33 21.89 -10.18
N GLY D 66 -15.02 22.94 -9.74
CA GLY D 66 -15.65 22.86 -8.43
C GLY D 66 -17.12 23.18 -8.49
N SER D 67 -17.88 22.56 -7.59
CA SER D 67 -19.32 22.81 -7.50
C SER D 67 -19.72 22.75 -6.03
N LYS D 68 -20.98 23.05 -5.77
CA LYS D 68 -21.51 23.04 -4.43
C LYS D 68 -22.88 22.39 -4.48
N SER D 69 -23.45 22.07 -3.32
CA SER D 69 -24.77 21.45 -3.26
C SER D 69 -25.18 21.47 -1.81
N GLY D 70 -26.38 21.97 -1.54
CA GLY D 70 -26.84 22.04 -0.17
C GLY D 70 -25.75 22.72 0.62
N ASN D 71 -25.31 22.08 1.69
CA ASN D 71 -24.24 22.63 2.50
C ASN D 71 -22.90 21.91 2.28
N THR D 72 -22.67 21.44 1.07
CA THR D 72 -21.42 20.74 0.78
C THR D 72 -20.82 21.09 -0.57
N ALA D 73 -19.53 21.37 -0.58
CA ALA D 73 -18.83 21.70 -1.81
C ALA D 73 -17.97 20.53 -2.23
N SER D 74 -17.61 20.48 -3.52
CA SER D 74 -16.83 19.37 -4.03
C SER D 74 -15.85 19.75 -5.11
N LEU D 75 -14.60 19.32 -4.96
CA LEU D 75 -13.60 19.58 -5.98
C LEU D 75 -13.64 18.30 -6.81
N THR D 76 -13.51 18.43 -8.13
CA THR D 76 -13.52 17.26 -8.98
C THR D 76 -12.40 17.26 -10.00
N ILE D 77 -11.45 16.37 -9.77
CA ILE D 77 -10.32 16.23 -10.66
C ILE D 77 -10.64 15.06 -11.57
N SER D 78 -10.55 15.30 -12.87
CA SER D 78 -10.83 14.29 -13.87
C SER D 78 -9.54 14.02 -14.65
N GLY D 79 -9.46 12.83 -15.27
CA GLY D 79 -8.28 12.46 -16.02
C GLY D 79 -7.04 12.62 -15.18
N LEU D 80 -7.01 11.92 -14.04
CA LEU D 80 -5.87 12.00 -13.13
C LEU D 80 -4.48 12.02 -13.74
N GLN D 81 -3.54 12.57 -12.99
CA GLN D 81 -2.16 12.66 -13.42
C GLN D 81 -1.32 12.70 -12.17
N ALA D 82 -0.12 12.12 -12.23
CA ALA D 82 0.75 12.10 -11.07
C ALA D 82 0.96 13.51 -10.54
N GLU D 83 1.09 14.49 -11.44
CA GLU D 83 1.30 15.88 -11.04
C GLU D 83 0.19 16.38 -10.11
N ASP D 84 -0.97 15.75 -10.21
CA ASP D 84 -2.09 16.13 -9.38
C ASP D 84 -1.91 15.63 -7.96
N GLU D 85 -0.81 14.95 -7.70
CA GLU D 85 -0.59 14.44 -6.35
C GLU D 85 -0.19 15.62 -5.49
N ALA D 86 -1.02 15.90 -4.49
CA ALA D 86 -0.76 17.01 -3.58
C ALA D 86 -1.81 17.00 -2.51
N ASP D 87 -1.92 18.11 -1.79
CA ASP D 87 -2.90 18.25 -0.74
C ASP D 87 -3.92 19.25 -1.25
N TYR D 88 -5.21 18.97 -1.01
CA TYR D 88 -6.28 19.86 -1.47
C TYR D 88 -7.11 20.33 -0.28
N TYR D 89 -7.30 21.64 -0.18
CA TYR D 89 -8.07 22.21 0.90
C TYR D 89 -9.16 23.05 0.30
N CYS D 90 -10.17 23.31 1.12
CA CYS D 90 -11.28 24.15 0.74
C CYS D 90 -11.44 25.21 1.82
N SER D 91 -12.35 26.14 1.60
CA SER D 91 -12.61 27.18 2.57
C SER D 91 -13.74 28.00 2.01
N SER D 92 -14.30 28.87 2.86
CA SER D 92 -15.37 29.74 2.42
C SER D 92 -15.66 30.81 3.45
N TYR D 93 -16.51 31.74 3.02
CA TYR D 93 -17.00 32.82 3.85
C TYR D 93 -17.85 32.22 4.96
N ALA D 94 -17.97 32.91 6.09
CA ALA D 94 -18.79 32.43 7.20
C ALA D 94 -19.68 33.58 7.69
N SER D 95 -20.74 33.25 8.42
CA SER D 95 -21.70 34.23 8.94
C SER D 95 -21.28 34.80 10.30
N GLY D 96 -20.37 34.07 10.95
CA GLY D 96 -19.87 34.47 12.26
C GLY D 96 -18.71 35.46 12.14
N SER D 97 -17.96 35.61 13.22
CA SER D 97 -16.86 36.56 13.23
C SER D 97 -15.65 36.19 12.39
N THR D 98 -15.47 34.91 12.10
CA THR D 98 -14.32 34.48 11.30
C THR D 98 -14.49 34.81 9.83
N PRO D 99 -13.51 35.52 9.25
CA PRO D 99 -13.53 35.93 7.85
C PRO D 99 -13.61 34.76 6.87
N ARG D 100 -12.95 33.68 7.24
CA ARG D 100 -12.88 32.49 6.40
C ARG D 100 -12.42 31.27 7.15
N ILE D 101 -13.26 30.23 7.16
CA ILE D 101 -12.96 28.94 7.80
C ILE D 101 -12.43 27.99 6.73
N PHE D 102 -11.39 27.25 7.09
CA PHE D 102 -10.77 26.32 6.18
C PHE D 102 -11.12 24.87 6.49
N GLY D 103 -11.05 24.03 5.47
CA GLY D 103 -11.34 22.63 5.64
C GLY D 103 -10.08 21.96 6.13
N GLY D 104 -10.23 20.76 6.70
CA GLY D 104 -9.07 20.03 7.21
C GLY D 104 -8.07 19.55 6.17
N GLY D 105 -8.48 19.40 4.93
CA GLY D 105 -7.54 18.95 3.91
C GLY D 105 -7.54 17.46 3.56
N THR D 106 -7.30 17.18 2.28
CA THR D 106 -7.26 15.83 1.77
C THR D 106 -5.99 15.59 0.97
N ARG D 107 -5.26 14.54 1.33
CA ARG D 107 -4.03 14.19 0.62
C ARG D 107 -4.44 13.27 -0.52
N LEU D 108 -4.11 13.66 -1.75
CA LEU D 108 -4.46 12.87 -2.91
C LEU D 108 -3.30 12.06 -3.44
N THR D 109 -3.43 10.74 -3.37
CA THR D 109 -2.39 9.83 -3.84
C THR D 109 -2.75 9.30 -5.23
N VAL D 110 -1.91 9.62 -6.21
CA VAL D 110 -2.13 9.14 -7.56
C VAL D 110 -1.17 7.99 -7.79
N LEU D 111 -1.59 6.80 -7.38
CA LEU D 111 -0.78 5.61 -7.55
C LEU D 111 -1.06 4.99 -8.91
N GLY D 112 -0.01 4.68 -9.64
CA GLY D 112 -0.16 4.05 -10.94
C GLY D 112 0.39 2.64 -10.83
N GLN D 113 0.68 2.26 -9.60
CA GLN D 113 1.22 0.95 -9.25
C GLN D 113 2.71 0.85 -9.59
N PRO D 114 3.53 1.62 -8.85
CA PRO D 114 5.00 1.64 -9.03
C PRO D 114 5.71 0.61 -8.14
N LYS D 115 5.35 0.61 -6.86
CA LYS D 115 5.93 -0.30 -5.87
C LYS D 115 7.45 -0.30 -5.88
N ALA D 116 8.05 -1.46 -5.60
CA ALA D 116 9.50 -1.59 -5.57
C ALA D 116 10.10 -1.52 -6.98
N ALA D 117 11.12 -0.69 -7.13
CA ALA D 117 11.81 -0.48 -8.40
C ALA D 117 13.27 -0.98 -8.29
N PRO D 118 14.18 -0.55 -9.19
CA PRO D 118 15.57 -1.00 -9.11
C PRO D 118 16.23 -1.02 -7.72
N SER D 119 17.45 -1.57 -7.69
CA SER D 119 18.25 -1.74 -6.48
C SER D 119 18.26 -0.66 -5.38
N VAL D 120 19.04 -0.95 -4.36
CA VAL D 120 19.22 -0.08 -3.19
C VAL D 120 20.57 -0.47 -2.62
N THR D 121 21.59 0.35 -2.92
CA THR D 121 22.96 0.07 -2.48
C THR D 121 23.44 0.61 -1.15
N LEU D 122 24.48 -0.05 -0.65
CA LEU D 122 25.15 0.28 0.60
C LEU D 122 26.50 0.84 0.24
N PHE D 123 27.02 1.73 1.08
CA PHE D 123 28.32 2.36 0.84
C PHE D 123 29.41 2.02 1.86
N PRO D 124 30.64 1.82 1.36
CA PRO D 124 31.79 1.50 2.20
C PRO D 124 32.32 2.76 2.88
N PRO D 125 32.53 2.70 4.20
CA PRO D 125 33.03 3.85 4.98
C PRO D 125 34.03 4.71 4.19
N SER D 126 33.50 5.78 3.58
CA SER D 126 34.32 6.71 2.79
C SER D 126 35.76 6.84 3.25
N SER D 127 36.65 7.13 2.31
CA SER D 127 38.06 7.30 2.60
C SER D 127 38.23 8.16 3.84
N GLU D 128 37.62 9.34 3.79
CA GLU D 128 37.66 10.26 4.92
C GLU D 128 37.21 9.52 6.16
N GLU D 129 36.01 8.95 6.06
CA GLU D 129 35.38 8.19 7.13
C GLU D 129 36.41 7.42 7.98
N LEU D 130 37.14 6.53 7.33
CA LEU D 130 38.16 5.75 8.02
C LEU D 130 39.26 6.65 8.55
N GLN D 131 39.84 7.45 7.65
CA GLN D 131 40.90 8.37 8.02
C GLN D 131 40.34 9.39 9.00
N ALA D 132 39.05 9.26 9.30
CA ALA D 132 38.37 10.15 10.22
C ALA D 132 38.30 9.47 11.59
N ASN D 133 39.00 8.34 11.71
CA ASN D 133 39.02 7.59 12.96
C ASN D 133 37.61 7.06 13.22
N LYS D 134 36.97 6.59 12.15
CA LYS D 134 35.61 6.06 12.22
C LYS D 134 35.38 5.22 10.96
N ALA D 135 34.18 4.67 10.80
CA ALA D 135 33.86 3.86 9.62
C ALA D 135 32.38 3.49 9.50
N THR D 136 31.51 4.49 9.50
CA THR D 136 30.07 4.25 9.39
C THR D 136 29.65 3.89 7.96
N LEU D 137 28.61 3.07 7.84
CA LEU D 137 28.11 2.64 6.54
C LEU D 137 26.69 3.14 6.31
N VAL D 138 26.34 3.36 5.05
CA VAL D 138 25.00 3.83 4.68
C VAL D 138 24.27 2.87 3.75
N CYS D 139 23.00 2.61 4.07
CA CYS D 139 22.18 1.72 3.28
C CYS D 139 21.06 2.54 2.65
N LEU D 140 21.34 3.11 1.48
CA LEU D 140 20.38 3.96 0.77
C LEU D 140 19.16 3.27 0.17
N ILE D 141 18.04 3.37 0.89
CA ILE D 141 16.78 2.78 0.45
C ILE D 141 16.07 3.82 -0.41
N SER D 142 15.83 3.53 -1.69
CA SER D 142 15.21 4.53 -2.55
C SER D 142 14.30 4.07 -3.71
N ASP D 143 13.28 4.88 -3.97
CA ASP D 143 12.30 4.68 -5.05
C ASP D 143 11.32 3.55 -4.84
N PHE D 144 10.75 3.47 -3.64
CA PHE D 144 9.80 2.42 -3.32
C PHE D 144 8.41 2.95 -2.95
N TYR D 145 7.44 2.06 -2.84
CA TYR D 145 6.09 2.46 -2.49
C TYR D 145 5.25 1.24 -2.08
N PRO D 146 4.51 1.33 -0.94
CA PRO D 146 4.44 2.48 -0.04
C PRO D 146 5.73 2.67 0.75
N GLY D 147 5.67 3.47 1.81
CA GLY D 147 6.84 3.72 2.61
C GLY D 147 6.71 3.24 4.05
N ALA D 148 6.74 1.93 4.23
CA ALA D 148 6.63 1.33 5.56
C ALA D 148 7.74 0.30 5.74
N VAL D 149 8.70 0.33 4.81
CA VAL D 149 9.84 -0.57 4.81
C VAL D 149 10.66 -0.57 6.09
N THR D 150 10.98 -1.76 6.59
CA THR D 150 11.78 -1.92 7.80
C THR D 150 13.19 -2.33 7.39
N VAL D 151 14.18 -2.00 8.21
CA VAL D 151 15.58 -2.34 7.89
C VAL D 151 16.46 -2.74 9.08
N ALA D 152 17.16 -3.86 8.93
CA ALA D 152 18.06 -4.36 9.95
C ALA D 152 19.44 -4.56 9.34
N TRP D 153 20.47 -4.43 10.17
CA TRP D 153 21.85 -4.59 9.70
C TRP D 153 22.45 -5.95 10.07
N LYS D 154 23.37 -6.43 9.22
CA LYS D 154 24.05 -7.71 9.41
C LYS D 154 25.56 -7.54 9.56
N ALA D 155 26.12 -8.19 10.57
CA ALA D 155 27.56 -8.16 10.85
C ALA D 155 28.09 -9.58 10.69
N ASP D 156 28.41 -9.96 9.46
CA ASP D 156 28.91 -11.30 9.14
C ASP D 156 27.75 -12.30 9.31
N SER D 157 26.73 -12.15 8.46
CA SER D 157 25.55 -13.01 8.50
C SER D 157 24.90 -13.02 9.89
N SER D 158 25.32 -12.10 10.75
CA SER D 158 24.81 -11.96 12.11
C SER D 158 23.94 -10.71 12.25
N PRO D 159 22.97 -10.71 13.17
CA PRO D 159 22.08 -9.56 13.40
C PRO D 159 22.71 -8.40 14.18
N VAL D 160 22.54 -7.19 13.67
CA VAL D 160 23.08 -5.98 14.29
C VAL D 160 21.98 -5.08 14.83
N LYS D 161 22.25 -4.43 15.96
CA LYS D 161 21.29 -3.52 16.60
C LYS D 161 21.99 -2.53 17.52
N ALA D 162 23.29 -2.35 17.33
CA ALA D 162 24.07 -1.43 18.15
C ALA D 162 23.60 0.00 17.95
N GLY D 163 23.93 0.57 16.80
CA GLY D 163 23.53 1.93 16.49
C GLY D 163 22.87 1.99 15.12
N VAL D 164 21.80 1.24 14.94
CA VAL D 164 21.11 1.23 13.67
C VAL D 164 19.99 2.28 13.63
N GLU D 165 20.30 3.44 13.09
CA GLU D 165 19.32 4.51 12.97
C GLU D 165 18.81 4.51 11.54
N THR D 166 17.51 4.73 11.39
CA THR D 166 16.89 4.77 10.08
C THR D 166 16.06 6.05 10.03
N THR D 167 15.87 6.59 8.84
CA THR D 167 15.11 7.82 8.67
C THR D 167 13.78 7.54 7.97
N THR D 168 12.71 8.04 8.56
CA THR D 168 11.36 7.87 8.01
C THR D 168 11.34 8.15 6.51
N PRO D 169 10.84 7.20 5.70
CA PRO D 169 10.78 7.40 4.24
C PRO D 169 9.86 8.57 3.88
N SER D 170 10.29 9.36 2.89
CA SER D 170 9.51 10.52 2.44
C SER D 170 9.41 10.53 0.92
N LYS D 171 8.26 10.96 0.41
CA LYS D 171 8.05 11.01 -1.04
C LYS D 171 9.13 11.87 -1.69
N GLN D 172 9.46 11.59 -2.95
CA GLN D 172 10.48 12.34 -3.66
C GLN D 172 9.97 12.91 -4.99
N SER D 173 10.89 13.22 -5.91
CA SER D 173 10.52 13.78 -7.21
C SER D 173 9.59 12.87 -8.01
N ASN D 174 9.89 11.57 -8.02
CA ASN D 174 9.06 10.60 -8.72
C ASN D 174 7.84 10.25 -7.87
N ASN D 175 7.72 10.94 -6.74
CA ASN D 175 6.63 10.76 -5.78
C ASN D 175 6.55 9.43 -5.06
N LYS D 176 7.66 8.68 -5.07
CA LYS D 176 7.75 7.42 -4.35
C LYS D 176 8.55 7.81 -3.12
N TYR D 177 8.80 6.88 -2.21
CA TYR D 177 9.53 7.25 -1.00
C TYR D 177 11.02 6.97 -1.02
N ALA D 178 11.68 7.31 0.08
CA ALA D 178 13.12 7.11 0.24
C ALA D 178 13.55 7.27 1.70
N ALA D 179 14.22 6.25 2.22
CA ALA D 179 14.70 6.25 3.60
C ALA D 179 16.18 5.89 3.61
N SER D 180 16.82 6.00 4.76
CA SER D 180 18.25 5.70 4.84
C SER D 180 18.67 5.21 6.23
N SER D 181 19.14 3.97 6.31
CA SER D 181 19.59 3.40 7.57
C SER D 181 21.10 3.58 7.70
N TYR D 182 21.53 4.13 8.84
CA TYR D 182 22.96 4.31 9.04
C TYR D 182 23.45 3.66 10.32
N LEU D 183 24.33 2.67 10.13
CA LEU D 183 24.92 1.92 11.23
C LEU D 183 26.21 2.62 11.65
N SER D 184 26.13 3.38 12.74
CA SER D 184 27.28 4.12 13.26
C SER D 184 28.34 3.09 13.62
N LEU D 185 29.34 2.96 12.74
CA LEU D 185 30.41 1.99 12.93
C LEU D 185 31.75 2.59 13.35
N THR D 186 32.60 1.73 13.93
CA THR D 186 33.93 2.11 14.38
C THR D 186 34.98 1.47 13.46
N PRO D 187 36.21 2.03 13.41
CA PRO D 187 37.26 1.47 12.55
C PRO D 187 37.38 -0.05 12.68
N GLU D 188 37.55 -0.52 13.91
CA GLU D 188 37.66 -1.95 14.19
C GLU D 188 36.45 -2.66 13.61
N GLN D 189 35.28 -2.39 14.18
CA GLN D 189 34.02 -2.99 13.75
C GLN D 189 34.00 -3.34 12.27
N TRP D 190 34.59 -2.50 11.43
CA TRP D 190 34.61 -2.78 10.01
C TRP D 190 35.89 -3.52 9.63
N LYS D 191 37.02 -3.02 10.12
CA LYS D 191 38.31 -3.64 9.83
C LYS D 191 38.28 -5.15 10.05
N SER D 192 37.85 -5.58 11.24
CA SER D 192 37.80 -7.00 11.55
C SER D 192 36.77 -7.71 10.67
N HIS D 193 35.50 -7.65 11.08
CA HIS D 193 34.42 -8.28 10.35
C HIS D 193 34.72 -8.35 8.85
N ARG D 194 34.86 -9.57 8.35
CA ARG D 194 35.16 -9.80 6.96
C ARG D 194 33.93 -9.64 6.07
N SER D 195 32.86 -9.08 6.65
CA SER D 195 31.61 -8.85 5.91
C SER D 195 30.63 -7.95 6.67
N TYR D 196 29.56 -7.57 5.97
CA TYR D 196 28.49 -6.70 6.50
C TYR D 196 27.36 -6.62 5.47
N SER D 197 26.13 -6.43 5.92
CA SER D 197 24.99 -6.33 5.01
C SER D 197 23.84 -5.46 5.50
N CYS D 198 22.73 -5.49 4.75
CA CYS D 198 21.56 -4.69 5.06
C CYS D 198 20.29 -5.32 4.48
N GLN D 199 19.31 -5.60 5.34
CA GLN D 199 18.03 -6.19 4.91
C GLN D 199 16.93 -5.15 4.70
N VAL D 200 16.22 -5.24 3.59
CA VAL D 200 15.15 -4.30 3.29
C VAL D 200 13.80 -4.97 3.01
N THR D 201 12.98 -5.14 4.05
CA THR D 201 11.68 -5.78 3.90
C THR D 201 10.59 -4.81 3.47
N HIS D 202 10.45 -4.64 2.16
CA HIS D 202 9.42 -3.75 1.63
C HIS D 202 8.19 -4.60 1.32
N GLU D 203 7.46 -4.97 2.37
CA GLU D 203 6.25 -5.79 2.24
C GLU D 203 6.53 -7.23 1.83
N GLY D 204 6.86 -8.07 2.81
CA GLY D 204 7.14 -9.46 2.53
C GLY D 204 8.42 -9.64 1.73
N SER D 205 8.45 -9.03 0.55
CA SER D 205 9.59 -9.10 -0.35
C SER D 205 10.86 -8.49 0.24
N THR D 206 11.82 -9.35 0.59
CA THR D 206 13.08 -8.89 1.15
C THR D 206 14.12 -8.67 0.07
N VAL D 207 15.14 -7.89 0.40
CA VAL D 207 16.24 -7.57 -0.50
C VAL D 207 17.44 -7.26 0.39
N GLU D 208 18.65 -7.46 -0.13
CA GLU D 208 19.83 -7.17 0.67
C GLU D 208 21.03 -6.73 -0.16
N LYS D 209 22.08 -6.31 0.54
CA LYS D 209 23.32 -5.86 -0.06
C LYS D 209 24.46 -6.24 0.89
N THR D 210 25.57 -6.70 0.33
CA THR D 210 26.71 -7.11 1.15
C THR D 210 27.97 -6.29 0.87
N VAL D 211 28.62 -5.85 1.95
CA VAL D 211 29.84 -5.04 1.87
C VAL D 211 30.85 -5.51 2.90
N ALA D 212 32.13 -5.26 2.65
CA ALA D 212 33.20 -5.65 3.56
C ALA D 212 34.54 -5.12 3.07
N PRO D 213 35.53 -4.98 3.98
CA PRO D 213 36.86 -4.48 3.61
C PRO D 213 37.40 -5.11 2.32
N THR D 214 37.23 -4.41 1.20
CA THR D 214 37.68 -4.91 -0.09
C THR D 214 38.06 -3.78 -1.06
N GLU D 215 38.72 -2.75 -0.55
CA GLU D 215 39.14 -1.62 -1.39
C GLU D 215 40.23 -2.03 -2.38
N CYS D 216 40.41 -1.21 -3.41
CA CYS D 216 41.43 -1.47 -4.42
C CYS D 216 42.80 -1.15 -3.84
N SER D 217 43.20 0.11 -3.94
CA SER D 217 44.49 0.54 -3.40
C SER D 217 44.30 1.33 -2.11
S SO4 E . -5.15 -29.49 -28.56
O1 SO4 E . -5.82 -29.50 -30.03
O2 SO4 E . -3.73 -29.26 -28.76
O3 SO4 E . -5.71 -28.57 -27.80
O4 SO4 E . -5.33 -30.85 -28.15
S SO4 F . -32.86 -35.16 -21.00
O1 SO4 F . -34.25 -34.42 -21.38
O2 SO4 F . -32.03 -35.01 -22.19
O3 SO4 F . -32.33 -34.61 -19.95
O4 SO4 F . -33.24 -36.54 -20.86
S SO4 G . -26.22 -13.63 -22.54
O1 SO4 G . -25.85 -15.20 -22.45
O2 SO4 G . -27.67 -13.59 -22.62
O3 SO4 G . -25.78 -13.00 -21.50
O4 SO4 G . -25.66 -13.23 -23.80
C1 IPH H . -14.65 -16.37 -15.83
C2 IPH H . -15.45 -16.96 -16.87
C3 IPH H . -16.48 -16.11 -17.41
C4 IPH H . -16.66 -14.78 -16.92
C5 IPH H . -15.86 -14.22 -15.89
C6 IPH H . -14.80 -15.05 -15.31
O1 IPH H . -13.65 -17.14 -15.28
S SO4 I . -26.05 -2.03 -2.64
O1 SO4 I . -25.15 -0.95 -3.45
O2 SO4 I . -26.28 -1.42 -1.35
O3 SO4 I . -27.16 -2.27 -3.28
O4 SO4 I . -25.15 -3.13 -2.49
S SO4 J . -12.65 4.04 -30.21
O1 SO4 J . -11.94 4.73 -31.48
O2 SO4 J . -12.08 4.71 -29.05
O3 SO4 J . -13.95 4.17 -30.30
O4 SO4 J . -12.15 2.70 -30.27
S SO4 K . -2.36 32.64 22.55
O1 SO4 K . -1.33 33.59 23.37
O2 SO4 K . -3.36 32.27 23.52
O3 SO4 K . -2.84 33.28 21.53
O4 SO4 K . -1.56 31.49 22.23
S SO4 L . -10.42 35.70 -1.92
O1 SO4 L . -9.64 34.67 -2.89
O2 SO4 L . -11.79 35.67 -2.38
O3 SO4 L . -10.28 35.35 -0.68
O4 SO4 L . -9.84 36.97 -2.27
S SO4 M . -3.22 19.90 -18.09
O1 SO4 M . -3.75 21.43 -18.26
O2 SO4 M . -2.00 19.84 -18.88
O3 SO4 M . -3.01 19.63 -16.83
O4 SO4 M . -4.25 19.13 -18.74
S SO4 N . -25.64 18.74 3.18
O1 SO4 N . -25.85 17.13 3.16
O2 SO4 N . -26.63 19.23 4.13
O3 SO4 N . -24.42 19.02 3.52
O4 SO4 N . -26.02 19.13 1.84
C1 IPH O . -2.42 25.70 3.16
C2 IPH O . -3.35 25.56 2.06
C3 IPH O . -4.12 26.75 1.74
C4 IPH O . -3.95 27.95 2.49
C5 IPH O . -3.02 28.05 3.57
C6 IPH O . -2.21 26.88 3.94
O1 IPH O . -1.66 24.60 3.50
#